data_4HHS
#
_entry.id   4HHS
#
_cell.length_a   102.150
_cell.length_b   102.150
_cell.length_c   137.565
_cell.angle_alpha   90.00
_cell.angle_beta   90.00
_cell.angle_gamma   90.00
#
_symmetry.space_group_name_H-M   'P 43 2 2'
#
loop_
_entity.id
_entity.type
_entity.pdbx_description
1 polymer Alpha-dioxygenase
2 non-polymer 'PROTOPORPHYRIN IX CONTAINING FE'
3 non-polymer 'CALCIUM ION'
4 non-polymer 'CHLORIDE ION'
5 non-polymer DI(HYDROXYETHYL)ETHER
6 non-polymer 'nonyl beta-D-glucopyranoside'
7 non-polymer 'HEXAETHYLENE GLYCOL'
8 non-polymer 'TRIETHYLENE GLYCOL'
9 water water
#
_entity_poly.entity_id   1
_entity_poly.type   'polypeptide(L)'
_entity_poly.pdbx_seq_one_letter_code
;MRGSHHHHHHGSMKVITSLISSILLKFIHKDFHEIYARMSLLDRFLLLIVHGVDKMVPWHKLPVFLGLTYLEVRRHLHQQ
YNLLNVGQTPTGIRFDPANYPYRTADGKFNDPFNEGVGSQNSFFGRNCPPVDQKSKLRRPDPMVVATKLLGRKKFIDTGK
QFNMIAASWIQFMIHDWIDHLEDTHQIELVAPKEVASKCPLSSFRFLKTKEVPTGFFEIKTGSQNIRTPWWDSSVIYGSN
SKTLDRVRTYKDGKLKISEETGLLLHDEDGLAISGDIRNSWAGVSALQALFIKEHNAVCDALKDEDDDLEDEDLYRYARL
VTSAVVAKIHTIDWTVQLLKTDTLLAGMRANWYGLLGKKFKDSFGHAGSSILGGVVGMKKPQNHGVPYSLTEDFTSVYRM
HSLLPDQLHILDIDDVPGTNKSLPLIQEISMRDLIGRKGEETMSHIGFTKLMVSMGHQASGALELMNYPMWLRDIVPHDP
NGQARPDHVDLAALEIYRDRERSVPRYNEFRRSMFMIPITKWEDLTEDEEAIEVLDDVYDGDVEELDLLVGLMAEKKIKG
FAISETAFYIFLIMATRRLEADRFFTSDFNETIYTKKGLEWVNTTESLKDVIDRHYPDMTDKWMNSESAFSVWDSPPLTK
NPIPLYLRIPSR
;
_entity_poly.pdbx_strand_id   A
#
loop_
_chem_comp.id
_chem_comp.type
_chem_comp.name
_chem_comp.formula
BNG D-saccharide 'nonyl beta-D-glucopyranoside' 'C15 H30 O6'
CA non-polymer 'CALCIUM ION' 'Ca 2'
CL non-polymer 'CHLORIDE ION' 'Cl -1'
HEM non-polymer 'PROTOPORPHYRIN IX CONTAINING FE' 'C34 H32 Fe N4 O4'
P6G non-polymer 'HEXAETHYLENE GLYCOL' 'C12 H26 O7'
PEG non-polymer DI(HYDROXYETHYL)ETHER 'C4 H10 O3'
PGE non-polymer 'TRIETHYLENE GLYCOL' 'C6 H14 O4'
#
# COMPACT_ATOMS: atom_id res chain seq x y z
N MET A 13 -42.88 5.20 14.52
CA MET A 13 -41.71 6.09 14.83
C MET A 13 -40.59 5.98 13.81
N LYS A 14 -40.31 4.75 13.37
CA LYS A 14 -39.26 4.52 12.36
C LYS A 14 -39.67 5.10 11.01
N VAL A 15 -40.94 4.93 10.65
CA VAL A 15 -41.48 5.47 9.39
C VAL A 15 -41.51 6.99 9.43
N ILE A 16 -41.98 7.56 10.55
CA ILE A 16 -41.95 9.01 10.77
C ILE A 16 -40.53 9.60 10.74
N THR A 17 -39.59 8.91 11.37
CA THR A 17 -38.18 9.38 11.34
C THR A 17 -37.59 9.22 9.94
N SER A 18 -38.02 8.18 9.22
CA SER A 18 -37.66 8.01 7.80
C SER A 18 -38.13 9.19 6.95
N LEU A 19 -39.36 9.63 7.19
CA LEU A 19 -39.90 10.83 6.54
C LEU A 19 -39.06 12.07 6.86
N ILE A 20 -38.60 12.19 8.10
CA ILE A 20 -37.70 13.29 8.47
C ILE A 20 -36.32 13.12 7.80
N SER A 21 -35.86 11.87 7.67
CA SER A 21 -34.62 11.60 6.92
C SER A 21 -34.76 11.96 5.44
N SER A 22 -35.98 11.87 4.90
CA SER A 22 -36.23 12.35 3.54
C SER A 22 -36.34 13.88 3.49
N ILE A 23 -36.66 14.49 4.63
CA ILE A 23 -36.70 15.95 4.75
C ILE A 23 -35.27 16.54 4.81
N LEU A 24 -34.39 15.85 5.54
CA LEU A 24 -33.01 16.29 5.70
C LEU A 24 -32.15 16.02 4.46
N LEU A 25 -32.72 15.27 3.53
CA LEU A 25 -32.13 15.03 2.22
C LEU A 25 -31.91 16.34 1.49
N LYS A 26 -32.63 17.38 1.93
CA LYS A 26 -32.47 18.74 1.41
C LYS A 26 -31.14 19.39 1.82
N PHE A 27 -30.40 18.71 2.70
CA PHE A 27 -29.10 19.19 3.17
C PHE A 27 -27.93 18.37 2.62
N ILE A 28 -28.26 17.21 2.02
CA ILE A 28 -27.27 16.31 1.42
C ILE A 28 -27.07 16.69 -0.06
N HIS A 29 -25.83 16.63 -0.53
CA HIS A 29 -25.50 16.86 -1.93
C HIS A 29 -26.34 15.93 -2.81
N LYS A 30 -26.87 16.44 -3.91
CA LYS A 30 -27.74 15.64 -4.78
C LYS A 30 -27.13 14.33 -5.26
N ASP A 31 -25.81 14.32 -5.46
CA ASP A 31 -25.12 13.14 -5.95
C ASP A 31 -25.05 11.98 -4.95
N PHE A 32 -25.48 12.22 -3.72
CA PHE A 32 -25.44 11.17 -2.69
C PHE A 32 -26.82 10.61 -2.42
N HIS A 33 -27.84 11.16 -3.07
CA HIS A 33 -29.24 10.78 -2.82
C HIS A 33 -29.50 9.31 -3.13
N GLU A 34 -28.65 8.71 -3.96
CA GLU A 34 -28.76 7.28 -4.29
C GLU A 34 -28.19 6.37 -3.20
N ILE A 35 -26.93 6.60 -2.79
CA ILE A 35 -26.32 5.85 -1.68
C ILE A 35 -27.11 6.05 -0.38
N TYR A 36 -27.76 7.22 -0.25
CA TYR A 36 -28.58 7.57 0.91
C TYR A 36 -29.73 6.59 1.11
N ALA A 37 -30.33 6.15 0.00
CA ALA A 37 -31.47 5.22 0.01
C ALA A 37 -31.09 3.83 0.51
N ARG A 38 -29.82 3.45 0.32
CA ARG A 38 -29.27 2.20 0.84
C ARG A 38 -29.08 2.23 2.35
N MET A 39 -29.02 3.43 2.92
CA MET A 39 -28.56 3.61 4.30
C MET A 39 -29.62 3.40 5.37
N SER A 40 -29.20 2.84 6.51
CA SER A 40 -30.04 2.76 7.71
C SER A 40 -30.31 4.17 8.26
N LEU A 41 -31.31 4.28 9.13
CA LEU A 41 -31.66 5.57 9.77
C LEU A 41 -30.49 6.25 10.48
N LEU A 42 -29.81 5.50 11.34
CA LEU A 42 -28.68 6.07 12.06
C LEU A 42 -27.62 6.51 11.05
N ASP A 43 -27.35 5.68 10.04
CA ASP A 43 -26.30 6.00 9.06
C ASP A 43 -26.65 7.22 8.21
N ARG A 44 -27.95 7.43 7.95
CA ARG A 44 -28.39 8.67 7.30
C ARG A 44 -28.00 9.90 8.13
N PHE A 45 -28.24 9.83 9.44
CA PHE A 45 -27.86 10.90 10.37
C PHE A 45 -26.33 11.09 10.35
N LEU A 46 -25.60 9.98 10.38
CA LEU A 46 -24.13 10.05 10.36
C LEU A 46 -23.61 10.71 9.08
N LEU A 47 -24.23 10.40 7.95
CA LEU A 47 -23.85 11.01 6.67
C LEU A 47 -24.15 12.49 6.71
N LEU A 48 -25.29 12.87 7.30
CA LEU A 48 -25.61 14.28 7.41
C LEU A 48 -24.51 15.01 8.18
N ILE A 49 -23.99 14.39 9.24
CA ILE A 49 -22.95 14.99 10.06
C ILE A 49 -21.62 15.05 9.33
N VAL A 50 -21.17 13.92 8.78
CA VAL A 50 -19.94 13.88 7.97
C VAL A 50 -19.98 14.92 6.84
N HIS A 51 -21.09 14.97 6.11
CA HIS A 51 -21.24 15.88 4.99
C HIS A 51 -21.27 17.33 5.47
N GLY A 52 -21.94 17.58 6.60
CA GLY A 52 -21.95 18.90 7.22
C GLY A 52 -20.56 19.42 7.54
N VAL A 53 -19.74 18.56 8.15
CA VAL A 53 -18.35 18.91 8.46
C VAL A 53 -17.59 19.21 7.15
N ASP A 54 -17.82 18.41 6.12
CA ASP A 54 -17.14 18.63 4.84
C ASP A 54 -17.42 20.00 4.24
N LYS A 55 -18.60 20.53 4.53
CA LYS A 55 -19.03 21.83 4.02
C LYS A 55 -18.62 23.00 4.91
N MET A 56 -18.13 22.70 6.11
CA MET A 56 -17.73 23.74 7.07
C MET A 56 -16.21 23.72 7.32
N VAL A 57 -15.79 23.43 8.55
CA VAL A 57 -14.38 23.30 8.85
C VAL A 57 -14.00 21.84 8.61
N PRO A 58 -13.15 21.58 7.59
CA PRO A 58 -12.83 20.20 7.24
C PRO A 58 -12.11 19.46 8.35
N TRP A 59 -12.26 18.14 8.35
CA TRP A 59 -11.84 17.31 9.47
C TRP A 59 -10.37 17.52 9.81
N HIS A 60 -9.56 17.78 8.80
CA HIS A 60 -8.11 17.86 9.00
C HIS A 60 -7.68 19.20 9.61
N LYS A 61 -8.66 20.09 9.84
CA LYS A 61 -8.37 21.34 10.52
C LYS A 61 -8.94 21.37 11.94
N LEU A 62 -9.66 20.30 12.31
CA LEU A 62 -10.24 20.18 13.66
C LEU A 62 -9.17 19.78 14.67
N PRO A 63 -9.42 20.08 15.95
CA PRO A 63 -8.62 19.50 17.05
C PRO A 63 -8.55 17.99 16.84
N VAL A 64 -7.40 17.39 17.15
CA VAL A 64 -7.17 15.96 16.92
C VAL A 64 -8.35 15.08 17.39
N PHE A 65 -8.83 15.29 18.63
CA PHE A 65 -9.90 14.41 19.12
C PHE A 65 -11.17 14.47 18.27
N LEU A 66 -11.49 15.65 17.72
CA LEU A 66 -12.64 15.77 16.82
C LEU A 66 -12.36 15.24 15.42
N GLY A 67 -11.12 15.44 14.95
CA GLY A 67 -10.68 14.86 13.70
C GLY A 67 -10.83 13.35 13.72
N LEU A 68 -10.43 12.73 14.83
CA LEU A 68 -10.53 11.28 14.98
C LEU A 68 -11.98 10.82 15.05
N THR A 69 -12.83 11.64 15.68
CA THR A 69 -14.26 11.32 15.79
C THR A 69 -14.88 11.31 14.40
N TYR A 70 -14.54 12.32 13.60
CA TYR A 70 -14.98 12.36 12.20
C TYR A 70 -14.51 11.14 11.43
N LEU A 71 -13.23 10.81 11.54
CA LEU A 71 -12.69 9.68 10.77
C LEU A 71 -13.34 8.38 11.20
N GLU A 72 -13.67 8.25 12.48
CA GLU A 72 -14.33 7.03 12.96
C GLU A 72 -15.69 6.85 12.28
N VAL A 73 -16.44 7.95 12.20
CA VAL A 73 -17.76 7.93 11.58
C VAL A 73 -17.66 7.71 10.06
N ARG A 74 -16.77 8.44 9.39
CA ARG A 74 -16.60 8.27 7.96
C ARG A 74 -16.15 6.84 7.63
N ARG A 75 -15.19 6.32 8.40
CA ARG A 75 -14.72 4.96 8.19
C ARG A 75 -15.86 3.96 8.34
N HIS A 76 -16.70 4.18 9.34
CA HIS A 76 -17.84 3.29 9.54
C HIS A 76 -18.76 3.28 8.31
N LEU A 77 -19.07 4.46 7.79
CA LEU A 77 -19.88 4.54 6.58
C LEU A 77 -19.24 3.84 5.39
N HIS A 78 -17.93 3.95 5.22
CA HIS A 78 -17.28 3.22 4.13
C HIS A 78 -17.34 1.72 4.34
N GLN A 79 -17.21 1.29 5.59
CA GLN A 79 -17.30 -0.15 5.90
C GLN A 79 -18.69 -0.69 5.56
N GLN A 80 -19.71 0.13 5.73
CA GLN A 80 -21.07 -0.31 5.46
C GLN A 80 -21.47 -0.22 3.99
N TYR A 81 -20.96 0.80 3.29
CA TYR A 81 -21.46 1.12 1.95
C TYR A 81 -20.45 1.05 0.81
N ASN A 82 -19.16 0.96 1.17
CA ASN A 82 -18.08 0.87 0.18
C ASN A 82 -17.28 -0.43 0.26
N LEU A 83 -17.96 -1.53 0.56
CA LEU A 83 -17.37 -2.86 0.42
C LEU A 83 -18.28 -3.71 -0.45
N LEU A 84 -17.84 -3.99 -1.68
CA LEU A 84 -18.64 -4.73 -2.64
C LEU A 84 -17.97 -6.05 -2.98
N ASN A 85 -18.72 -7.14 -2.80
CA ASN A 85 -18.19 -8.47 -3.12
C ASN A 85 -18.16 -8.65 -4.63
N VAL A 86 -17.15 -9.38 -5.10
CA VAL A 86 -17.04 -9.75 -6.52
C VAL A 86 -16.90 -11.25 -6.63
N GLY A 87 -17.82 -11.87 -7.38
CA GLY A 87 -17.76 -13.31 -7.62
C GLY A 87 -18.39 -14.10 -6.49
N GLN A 88 -18.62 -15.39 -6.72
CA GLN A 88 -19.16 -16.25 -5.67
C GLN A 88 -18.09 -16.42 -4.60
N THR A 89 -18.51 -16.33 -3.34
CA THR A 89 -17.60 -16.51 -2.22
C THR A 89 -17.08 -17.94 -2.25
N PRO A 90 -15.73 -18.09 -2.29
CA PRO A 90 -15.07 -19.41 -2.24
C PRO A 90 -15.16 -20.05 -0.85
N THR A 91 -16.38 -20.43 -0.47
CA THR A 91 -16.67 -20.95 0.87
C THR A 91 -16.02 -22.31 1.12
N GLY A 92 -16.22 -23.23 0.18
CA GLY A 92 -15.76 -24.61 0.31
C GLY A 92 -16.54 -25.29 1.41
N ILE A 93 -16.20 -26.56 1.67
CA ILE A 93 -16.78 -27.29 2.81
C ILE A 93 -16.32 -26.66 4.13
N ARG A 94 -17.06 -26.95 5.21
CA ARG A 94 -16.71 -26.41 6.52
C ARG A 94 -15.39 -26.98 7.01
N PHE A 95 -14.56 -26.12 7.60
CA PHE A 95 -13.29 -26.53 8.18
C PHE A 95 -13.11 -25.97 9.59
N ASP A 96 -12.19 -26.56 10.35
CA ASP A 96 -11.90 -26.12 11.70
C ASP A 96 -10.64 -25.24 11.63
N PRO A 97 -10.75 -23.96 12.01
CA PRO A 97 -9.58 -23.07 11.94
C PRO A 97 -8.47 -23.47 12.90
N ALA A 98 -8.81 -24.20 13.95
CA ALA A 98 -7.80 -24.76 14.85
C ALA A 98 -6.86 -25.74 14.12
N ASN A 99 -7.32 -26.29 13.00
CA ASN A 99 -6.48 -27.16 12.18
CA ASN A 99 -6.52 -27.16 12.14
C ASN A 99 -5.47 -26.37 11.34
N TYR A 100 -5.68 -25.05 11.27
CA TYR A 100 -4.78 -24.15 10.51
C TYR A 100 -4.26 -22.96 11.32
N PRO A 101 -3.50 -23.24 12.40
CA PRO A 101 -2.97 -22.18 13.28
C PRO A 101 -1.73 -21.47 12.72
N TYR A 102 -1.66 -21.35 11.41
CA TYR A 102 -0.49 -20.77 10.77
C TYR A 102 -0.90 -20.21 9.40
N ARG A 103 -0.03 -19.39 8.82
CA ARG A 103 -0.31 -18.83 7.51
C ARG A 103 -0.01 -19.90 6.45
N THR A 104 -1.06 -20.30 5.71
CA THR A 104 -0.91 -21.33 4.69
C THR A 104 -0.18 -20.76 3.47
N ALA A 105 0.37 -21.65 2.65
CA ALA A 105 1.26 -21.20 1.57
C ALA A 105 0.54 -20.34 0.54
N ASP A 106 -0.74 -20.63 0.30
CA ASP A 106 -1.54 -19.92 -0.70
C ASP A 106 -2.61 -19.01 -0.08
N GLY A 107 -2.57 -18.84 1.24
CA GLY A 107 -3.52 -17.97 1.93
C GLY A 107 -4.90 -18.56 2.18
N LYS A 108 -5.10 -19.84 1.89
CA LYS A 108 -6.38 -20.48 2.22
C LYS A 108 -6.52 -20.69 3.73
N PHE A 109 -7.77 -20.93 4.17
CA PHE A 109 -8.09 -21.39 5.54
C PHE A 109 -7.81 -20.33 6.61
N ASN A 110 -7.95 -19.07 6.23
CA ASN A 110 -7.81 -17.99 7.20
C ASN A 110 -9.20 -17.62 7.73
N ASP A 111 -10.08 -17.16 6.83
CA ASP A 111 -11.47 -16.84 7.15
C ASP A 111 -12.16 -18.11 7.64
N PRO A 112 -12.55 -18.14 8.94
CA PRO A 112 -12.99 -19.42 9.49
C PRO A 112 -14.24 -19.96 8.81
N PHE A 113 -14.89 -19.13 8.00
CA PHE A 113 -16.12 -19.53 7.32
C PHE A 113 -16.03 -19.71 5.81
N ASN A 114 -14.88 -19.36 5.21
CA ASN A 114 -14.69 -19.48 3.77
C ASN A 114 -13.24 -19.84 3.46
N GLU A 115 -12.99 -21.09 3.06
CA GLU A 115 -11.61 -21.56 2.89
C GLU A 115 -10.80 -20.76 1.86
N GLY A 116 -11.44 -20.27 0.81
CA GLY A 116 -10.72 -19.64 -0.29
C GLY A 116 -10.52 -18.14 -0.17
N VAL A 117 -11.17 -17.53 0.82
CA VAL A 117 -11.08 -16.07 0.98
C VAL A 117 -9.62 -15.66 1.25
N GLY A 118 -9.15 -14.66 0.50
CA GLY A 118 -7.80 -14.14 0.71
C GLY A 118 -6.71 -14.99 0.08
N SER A 119 -7.10 -16.04 -0.64
CA SER A 119 -6.13 -16.96 -1.23
C SER A 119 -5.63 -16.48 -2.59
N GLN A 120 -4.52 -17.06 -3.05
CA GLN A 120 -4.06 -16.77 -4.42
C GLN A 120 -5.14 -17.05 -5.46
N ASN A 121 -5.25 -16.15 -6.44
CA ASN A 121 -6.22 -16.27 -7.54
C ASN A 121 -7.66 -15.96 -7.16
N SER A 122 -7.87 -15.43 -5.96
CA SER A 122 -9.20 -14.97 -5.57
C SER A 122 -9.56 -13.66 -6.27
N PHE A 123 -10.86 -13.36 -6.34
CA PHE A 123 -11.29 -12.14 -7.03
C PHE A 123 -10.95 -10.87 -6.25
N PHE A 124 -10.51 -9.84 -6.98
CA PHE A 124 -10.46 -8.48 -6.41
C PHE A 124 -11.89 -8.01 -6.16
N GLY A 125 -12.19 -7.56 -4.94
CA GLY A 125 -13.47 -6.89 -4.66
C GLY A 125 -13.46 -5.46 -5.18
N ARG A 126 -14.50 -4.69 -4.83
CA ARG A 126 -14.54 -3.28 -5.17
C ARG A 126 -14.97 -2.44 -3.97
N ASN A 127 -14.59 -1.16 -3.98
CA ASN A 127 -15.13 -0.18 -3.03
C ASN A 127 -16.20 0.67 -3.70
N CYS A 128 -16.00 0.99 -4.97
CA CYS A 128 -16.97 1.80 -5.71
C CYS A 128 -17.59 0.95 -6.80
N PRO A 129 -18.88 1.19 -7.12
CA PRO A 129 -19.49 0.42 -8.22
C PRO A 129 -18.70 0.63 -9.52
N PRO A 130 -18.58 -0.42 -10.33
CA PRO A 130 -17.81 -0.31 -11.58
C PRO A 130 -18.46 0.62 -12.60
N VAL A 131 -17.61 1.28 -13.39
CA VAL A 131 -18.04 2.13 -14.49
C VAL A 131 -17.44 1.56 -15.77
N ASP A 132 -18.29 1.02 -16.64
CA ASP A 132 -17.77 0.41 -17.86
CA ASP A 132 -17.85 0.42 -17.90
C ASP A 132 -17.22 1.50 -18.77
N GLN A 133 -15.97 1.30 -19.18
CA GLN A 133 -15.27 2.28 -20.00
C GLN A 133 -14.66 1.63 -21.23
N LYS A 134 -15.21 0.48 -21.64
CA LYS A 134 -14.66 -0.25 -22.78
CA LYS A 134 -14.70 -0.27 -22.80
C LYS A 134 -14.71 0.58 -24.07
N SER A 135 -15.67 1.48 -24.17
CA SER A 135 -15.77 2.35 -25.34
C SER A 135 -14.87 3.57 -25.26
N LYS A 136 -14.19 3.77 -24.13
CA LYS A 136 -13.31 4.92 -23.99
C LYS A 136 -11.98 4.57 -23.36
N LEU A 137 -11.50 3.35 -23.63
CA LEU A 137 -10.17 2.97 -23.16
C LEU A 137 -9.06 3.90 -23.66
N ARG A 138 -9.30 4.52 -24.81
CA ARG A 138 -8.27 5.38 -25.40
CA ARG A 138 -8.30 5.37 -25.44
C ARG A 138 -8.72 6.83 -25.50
N ARG A 139 -9.68 7.22 -24.67
CA ARG A 139 -10.21 8.60 -24.66
C ARG A 139 -10.14 9.29 -23.28
N PRO A 140 -9.33 10.35 -23.17
CA PRO A 140 -8.33 10.81 -24.13
C PRO A 140 -7.19 9.81 -24.25
N ASP A 141 -6.36 9.99 -25.26
CA ASP A 141 -5.32 9.02 -25.53
C ASP A 141 -4.41 8.84 -24.33
N PRO A 142 -4.19 7.58 -23.92
CA PRO A 142 -3.37 7.41 -22.70
C PRO A 142 -1.93 7.86 -22.83
N MET A 143 -1.38 7.81 -24.04
CA MET A 143 -0.02 8.31 -24.23
C MET A 143 0.03 9.84 -24.24
N VAL A 144 -1.04 10.49 -24.69
CA VAL A 144 -1.17 11.94 -24.55
C VAL A 144 -1.25 12.34 -23.07
N VAL A 145 -2.07 11.61 -22.30
CA VAL A 145 -2.18 11.84 -20.88
C VAL A 145 -0.80 11.68 -20.22
N ALA A 146 -0.13 10.58 -20.54
CA ALA A 146 1.19 10.30 -19.95
C ALA A 146 2.17 11.43 -20.29
N THR A 147 2.17 11.86 -21.55
CA THR A 147 3.15 12.85 -21.99
C THR A 147 2.91 14.20 -21.36
N LYS A 148 1.66 14.68 -21.40
CA LYS A 148 1.38 16.07 -21.01
C LYS A 148 1.19 16.27 -19.53
N LEU A 149 0.71 15.24 -18.85
CA LEU A 149 0.32 15.38 -17.45
C LEU A 149 1.17 14.61 -16.47
N LEU A 150 1.81 13.54 -16.93
CA LEU A 150 2.55 12.70 -15.97
C LEU A 150 4.07 12.81 -16.11
N GLY A 151 4.60 12.68 -17.32
CA GLY A 151 6.07 12.65 -17.48
C GLY A 151 6.80 13.76 -16.75
N ARG A 152 7.84 13.38 -16.01
CA ARG A 152 8.56 14.30 -15.14
C ARG A 152 9.23 15.41 -15.92
N LYS A 153 8.88 16.65 -15.57
CA LYS A 153 9.53 17.82 -16.13
C LYS A 153 10.73 18.22 -15.25
N LYS A 154 10.44 18.72 -14.06
CA LYS A 154 11.44 19.07 -13.07
C LYS A 154 11.13 18.21 -11.87
N PHE A 155 12.16 17.58 -11.31
CA PHE A 155 11.96 16.67 -10.15
C PHE A 155 11.44 17.44 -8.95
N ILE A 156 10.36 16.93 -8.38
CA ILE A 156 9.78 17.47 -7.15
C ILE A 156 9.92 16.41 -6.08
N ASP A 157 10.49 16.77 -4.93
CA ASP A 157 10.69 15.80 -3.83
C ASP A 157 9.77 16.06 -2.64
N THR A 158 9.85 15.18 -1.64
CA THR A 158 9.00 15.25 -0.46
C THR A 158 9.70 15.91 0.76
N GLY A 159 10.69 16.74 0.52
CA GLY A 159 11.37 17.43 1.62
C GLY A 159 12.16 16.44 2.47
N LYS A 160 11.92 16.45 3.78
CA LYS A 160 12.59 15.52 4.68
C LYS A 160 11.63 14.41 5.16
N GLN A 161 10.42 14.41 4.63
CA GLN A 161 9.32 13.63 5.22
C GLN A 161 9.34 12.13 4.93
N PHE A 162 9.87 11.76 3.77
CA PHE A 162 9.57 10.43 3.24
C PHE A 162 10.67 10.02 2.30
N ASN A 163 11.58 9.18 2.80
CA ASN A 163 12.84 8.91 2.07
C ASN A 163 12.73 7.72 1.10
N MET A 164 13.85 7.31 0.53
CA MET A 164 13.85 6.21 -0.44
C MET A 164 13.68 4.83 0.21
N ILE A 165 13.97 4.72 1.51
CA ILE A 165 13.59 3.53 2.24
C ILE A 165 12.06 3.43 2.30
N ALA A 166 11.40 4.56 2.56
CA ALA A 166 9.93 4.59 2.56
C ALA A 166 9.32 4.29 1.18
N ALA A 167 9.96 4.77 0.11
CA ALA A 167 9.50 4.41 -1.25
C ALA A 167 9.72 2.91 -1.52
N SER A 168 10.88 2.37 -1.11
CA SER A 168 11.12 0.94 -1.26
C SER A 168 10.08 0.15 -0.47
N TRP A 169 9.76 0.63 0.72
CA TRP A 169 8.85 -0.08 1.63
C TRP A 169 7.46 -0.26 1.03
N ILE A 170 6.92 0.80 0.43
CA ILE A 170 5.56 0.66 -0.08
C ILE A 170 5.51 -0.31 -1.27
N GLN A 171 6.57 -0.32 -2.08
CA GLN A 171 6.62 -1.30 -3.17
C GLN A 171 6.73 -2.73 -2.59
N PHE A 172 7.55 -2.88 -1.56
CA PHE A 172 7.72 -4.12 -0.81
C PHE A 172 6.34 -4.61 -0.31
N MET A 173 5.49 -3.69 0.15
CA MET A 173 4.10 -4.05 0.50
C MET A 173 3.22 -4.42 -0.70
N ILE A 174 3.29 -3.65 -1.78
CA ILE A 174 2.55 -4.00 -3.01
C ILE A 174 2.87 -5.45 -3.44
N HIS A 175 4.14 -5.83 -3.34
CA HIS A 175 4.57 -7.19 -3.67
C HIS A 175 4.01 -8.28 -2.76
N ASP A 176 3.49 -7.90 -1.59
CA ASP A 176 2.76 -8.80 -0.68
C ASP A 176 1.27 -8.80 -1.09
N TRP A 177 0.76 -7.66 -1.52
CA TRP A 177 -0.70 -7.44 -1.58
C TRP A 177 -1.44 -7.75 -2.86
N ILE A 178 -0.96 -7.21 -3.97
CA ILE A 178 -1.79 -7.11 -5.18
C ILE A 178 -1.03 -7.26 -6.50
N ASP A 179 -1.54 -8.13 -7.36
CA ASP A 179 -1.06 -8.19 -8.76
C ASP A 179 -2.16 -8.85 -9.57
N HIS A 180 -2.45 -8.28 -10.74
CA HIS A 180 -3.59 -8.74 -11.55
C HIS A 180 -3.21 -9.85 -12.51
N LEU A 181 -4.00 -10.92 -12.51
CA LEU A 181 -3.86 -11.97 -13.52
C LEU A 181 -4.07 -11.42 -14.93
N GLU A 182 -3.15 -11.75 -15.83
CA GLU A 182 -3.24 -11.37 -17.24
C GLU A 182 -3.84 -12.46 -18.10
N ASP A 183 -4.50 -12.04 -19.18
CA ASP A 183 -4.93 -12.98 -20.20
C ASP A 183 -3.76 -13.21 -21.17
N THR A 184 -4.00 -13.98 -22.23
CA THR A 184 -2.96 -14.19 -23.22
C THR A 184 -3.06 -13.20 -24.40
N HIS A 185 -4.18 -12.49 -24.47
CA HIS A 185 -4.46 -11.55 -25.56
CA HIS A 185 -4.43 -11.56 -25.57
C HIS A 185 -3.58 -10.31 -25.45
N GLN A 186 -2.95 -9.92 -26.57
CA GLN A 186 -2.12 -8.72 -26.57
C GLN A 186 -2.86 -7.45 -27.02
N ILE A 187 -2.57 -6.34 -26.35
CA ILE A 187 -3.10 -5.03 -26.69
C ILE A 187 -1.93 -4.18 -27.19
N GLU A 188 -2.20 -3.25 -28.11
CA GLU A 188 -1.19 -2.33 -28.58
C GLU A 188 -1.70 -0.92 -28.50
N LEU A 189 -0.91 -0.07 -27.85
CA LEU A 189 -1.17 1.37 -27.85
C LEU A 189 -0.16 2.08 -28.72
N VAL A 190 -0.67 3.04 -29.49
CA VAL A 190 0.16 3.77 -30.42
C VAL A 190 0.19 5.25 -30.06
N ALA A 191 1.36 5.87 -30.15
CA ALA A 191 1.50 7.29 -29.82
C ALA A 191 0.95 8.12 -30.97
N PRO A 192 0.01 9.04 -30.68
CA PRO A 192 -0.52 9.96 -31.70
C PRO A 192 0.56 10.93 -32.15
N LYS A 193 0.42 11.45 -33.36
CA LYS A 193 1.40 12.37 -33.93
C LYS A 193 1.72 13.54 -33.02
N GLU A 194 0.69 14.06 -32.35
CA GLU A 194 0.81 15.23 -31.48
C GLU A 194 1.88 15.08 -30.40
N VAL A 195 2.04 13.87 -29.87
CA VAL A 195 2.99 13.66 -28.78
C VAL A 195 4.15 12.68 -29.09
N ALA A 196 4.10 12.02 -30.24
CA ALA A 196 5.09 10.98 -30.57
C ALA A 196 6.55 11.40 -30.32
N SER A 197 6.89 12.65 -30.63
CA SER A 197 8.27 13.13 -30.46
C SER A 197 8.71 13.21 -28.99
N LYS A 198 7.73 13.19 -28.08
CA LYS A 198 7.98 13.28 -26.65
C LYS A 198 7.75 11.94 -25.94
N CYS A 199 7.44 10.89 -26.71
CA CYS A 199 7.24 9.55 -26.14
C CYS A 199 8.49 8.72 -26.40
N PRO A 200 9.07 8.17 -25.31
CA PRO A 200 10.20 7.26 -25.48
C PRO A 200 9.89 6.06 -26.39
N LEU A 201 8.67 5.55 -26.32
CA LEU A 201 8.20 4.48 -27.20
C LEU A 201 7.13 5.04 -28.14
N SER A 202 7.27 4.81 -29.44
CA SER A 202 6.27 5.26 -30.39
C SER A 202 5.00 4.39 -30.37
N SER A 203 5.14 3.17 -29.84
CA SER A 203 4.04 2.24 -29.63
C SER A 203 4.53 1.22 -28.62
N PHE A 204 3.59 0.49 -28.02
CA PHE A 204 3.99 -0.58 -27.10
C PHE A 204 2.87 -1.60 -26.93
N ARG A 205 3.27 -2.82 -26.58
CA ARG A 205 2.38 -3.97 -26.46
CA ARG A 205 2.36 -3.93 -26.46
C ARG A 205 2.39 -4.51 -25.04
N PHE A 206 1.25 -5.00 -24.58
CA PHE A 206 1.09 -5.59 -23.25
C PHE A 206 -0.05 -6.59 -23.27
N LEU A 207 -0.26 -7.28 -22.16
CA LEU A 207 -1.30 -8.27 -22.08
C LEU A 207 -2.57 -7.69 -21.47
N LYS A 208 -3.71 -8.07 -22.04
CA LYS A 208 -5.03 -7.74 -21.48
C LYS A 208 -5.16 -8.27 -20.03
N THR A 209 -5.82 -7.51 -19.15
CA THR A 209 -6.17 -8.04 -17.82
C THR A 209 -7.18 -9.16 -18.02
N LYS A 210 -6.98 -10.29 -17.35
CA LYS A 210 -7.96 -11.37 -17.44
C LYS A 210 -9.30 -10.97 -16.81
N GLU A 211 -10.35 -11.09 -17.62
CA GLU A 211 -11.70 -10.70 -17.22
C GLU A 211 -12.50 -11.99 -17.01
N VAL A 212 -12.72 -12.38 -15.77
CA VAL A 212 -13.35 -13.68 -15.45
C VAL A 212 -14.82 -13.51 -15.10
N PRO A 213 -15.72 -14.27 -15.77
CA PRO A 213 -17.15 -14.18 -15.44
C PRO A 213 -17.41 -14.54 -13.99
N THR A 214 -18.29 -13.78 -13.33
CA THR A 214 -18.63 -14.01 -11.94
C THR A 214 -19.87 -14.88 -11.78
N GLY A 215 -20.83 -14.69 -12.67
CA GLY A 215 -22.12 -15.36 -12.59
C GLY A 215 -23.22 -14.53 -11.94
N PHE A 216 -22.92 -13.26 -11.65
CA PHE A 216 -23.88 -12.33 -11.05
C PHE A 216 -24.27 -11.19 -11.95
N PHE A 217 -25.41 -10.56 -11.64
CA PHE A 217 -25.94 -9.45 -12.45
C PHE A 217 -25.27 -8.11 -12.12
N GLU A 218 -25.13 -7.83 -10.83
CA GLU A 218 -24.55 -6.57 -10.35
C GLU A 218 -23.17 -6.35 -10.95
N ILE A 219 -22.23 -7.23 -10.61
CA ILE A 219 -20.86 -7.15 -11.12
C ILE A 219 -20.56 -8.43 -11.90
N LYS A 220 -20.54 -8.33 -13.23
CA LYS A 220 -20.59 -9.51 -14.11
C LYS A 220 -19.24 -10.19 -14.38
N THR A 221 -18.16 -9.47 -14.12
CA THR A 221 -16.83 -9.99 -14.36
C THR A 221 -15.92 -9.44 -13.27
N GLY A 222 -14.80 -10.11 -13.08
CA GLY A 222 -13.80 -9.63 -12.12
C GLY A 222 -12.39 -10.01 -12.49
N SER A 223 -11.42 -9.38 -11.82
CA SER A 223 -10.00 -9.70 -11.96
C SER A 223 -9.62 -10.62 -10.84
N GLN A 224 -8.55 -11.38 -11.04
CA GLN A 224 -8.02 -12.27 -10.02
C GLN A 224 -6.66 -11.78 -9.55
N ASN A 225 -6.42 -11.93 -8.25
CA ASN A 225 -5.20 -11.44 -7.62
C ASN A 225 -4.22 -12.59 -7.48
N ILE A 226 -3.07 -12.46 -8.15
CA ILE A 226 -2.07 -13.54 -8.15
C ILE A 226 -1.08 -13.42 -6.99
N ARG A 227 -1.28 -12.41 -6.14
CA ARG A 227 -0.59 -12.33 -4.83
C ARG A 227 -1.66 -12.58 -3.77
N THR A 228 -1.32 -13.26 -2.66
CA THR A 228 -2.34 -13.43 -1.62
C THR A 228 -2.71 -12.06 -1.08
N PRO A 229 -4.02 -11.71 -1.04
CA PRO A 229 -4.32 -10.39 -0.47
C PRO A 229 -4.16 -10.31 1.06
N TRP A 230 -4.05 -11.45 1.75
CA TRP A 230 -3.67 -11.37 3.17
C TRP A 230 -2.30 -10.72 3.31
N TRP A 231 -2.14 -9.98 4.40
CA TRP A 231 -0.90 -9.29 4.76
C TRP A 231 0.00 -10.30 5.47
N ASP A 232 0.52 -11.22 4.68
CA ASP A 232 1.14 -12.44 5.17
C ASP A 232 2.61 -12.52 4.76
N SER A 233 3.15 -11.40 4.29
CA SER A 233 4.56 -11.33 3.86
C SER A 233 4.87 -12.29 2.70
N SER A 234 3.90 -12.51 1.82
CA SER A 234 4.13 -13.33 0.62
C SER A 234 5.22 -12.74 -0.28
N VAL A 235 5.54 -11.48 -0.07
CA VAL A 235 6.70 -10.84 -0.72
C VAL A 235 8.03 -11.58 -0.44
N ILE A 236 8.15 -12.22 0.73
CA ILE A 236 9.30 -13.11 1.00
C ILE A 236 8.95 -14.61 1.03
N TYR A 237 7.67 -14.95 1.27
CA TYR A 237 7.31 -16.37 1.40
C TYR A 237 6.66 -17.00 0.17
N GLY A 238 6.36 -16.18 -0.84
CA GLY A 238 5.63 -16.63 -2.02
C GLY A 238 4.13 -16.69 -1.76
N SER A 239 3.38 -16.87 -2.84
CA SER A 239 1.92 -16.94 -2.76
C SER A 239 1.34 -18.32 -3.00
N ASN A 240 2.19 -19.34 -3.04
CA ASN A 240 1.72 -20.72 -3.06
C ASN A 240 2.84 -21.68 -2.61
N SER A 241 2.52 -22.98 -2.55
CA SER A 241 3.48 -23.97 -2.08
CA SER A 241 3.50 -23.96 -2.07
C SER A 241 4.74 -24.06 -2.95
N LYS A 242 4.58 -23.88 -4.25
CA LYS A 242 5.71 -24.00 -5.17
C LYS A 242 6.71 -22.86 -4.94
N THR A 243 6.19 -21.64 -4.82
CA THR A 243 7.06 -20.50 -4.62
C THR A 243 7.61 -20.45 -3.19
N LEU A 244 6.85 -20.95 -2.22
CA LEU A 244 7.38 -21.11 -0.86
C LEU A 244 8.57 -22.07 -0.85
N ASP A 245 8.41 -23.18 -1.54
CA ASP A 245 9.46 -24.19 -1.56
C ASP A 245 10.80 -23.61 -2.02
N ARG A 246 10.74 -22.66 -2.96
CA ARG A 246 11.94 -22.04 -3.52
C ARG A 246 12.76 -21.24 -2.52
N VAL A 247 12.11 -20.70 -1.49
CA VAL A 247 12.81 -19.82 -0.53
C VAL A 247 13.24 -20.54 0.74
N ARG A 248 12.74 -21.75 0.95
CA ARG A 248 13.02 -22.50 2.18
C ARG A 248 14.36 -23.22 2.11
N THR A 249 15.12 -23.17 3.19
CA THR A 249 16.35 -23.98 3.28
C THR A 249 16.07 -25.38 3.84
N TYR A 250 14.92 -25.52 4.52
CA TYR A 250 14.54 -26.74 5.24
C TYR A 250 15.42 -27.06 6.45
N LYS A 251 16.20 -26.07 6.89
CA LYS A 251 17.00 -26.17 8.11
C LYS A 251 16.52 -25.10 9.09
N ASP A 252 16.09 -25.56 10.27
CA ASP A 252 15.80 -24.67 11.40
C ASP A 252 14.72 -23.61 11.10
N GLY A 253 13.87 -23.92 10.12
CA GLY A 253 12.73 -23.06 9.75
C GLY A 253 13.09 -21.94 8.78
N LYS A 254 14.36 -21.90 8.37
CA LYS A 254 14.93 -20.69 7.75
C LYS A 254 14.69 -20.48 6.26
N LEU A 255 14.90 -19.23 5.84
CA LEU A 255 14.83 -18.83 4.44
C LEU A 255 16.22 -18.56 3.87
N LYS A 256 16.33 -18.67 2.54
CA LYS A 256 17.58 -18.50 1.81
C LYS A 256 18.08 -17.07 1.78
N ILE A 257 19.38 -16.91 2.06
CA ILE A 257 20.04 -15.62 2.04
C ILE A 257 21.54 -15.87 2.00
N SER A 258 22.30 -14.90 1.51
CA SER A 258 23.77 -14.99 1.61
C SER A 258 24.24 -14.60 2.99
N GLU A 259 24.86 -15.55 3.68
CA GLU A 259 25.43 -15.34 5.00
C GLU A 259 26.62 -14.38 4.95
N GLU A 260 27.34 -14.40 3.83
CA GLU A 260 28.53 -13.58 3.67
CA GLU A 260 28.54 -13.58 3.66
C GLU A 260 28.19 -12.09 3.50
N THR A 261 27.21 -11.79 2.65
CA THR A 261 26.91 -10.39 2.29
C THR A 261 25.61 -9.83 2.86
N GLY A 262 24.74 -10.71 3.35
CA GLY A 262 23.42 -10.29 3.81
C GLY A 262 22.51 -9.89 2.68
N LEU A 263 22.89 -10.24 1.44
CA LEU A 263 22.04 -10.00 0.27
C LEU A 263 21.31 -11.27 -0.13
N LEU A 264 20.29 -11.11 -0.98
CA LEU A 264 19.57 -12.26 -1.53
C LEU A 264 20.48 -13.17 -2.34
N LEU A 265 20.13 -14.45 -2.39
CA LEU A 265 20.78 -15.38 -3.31
C LEU A 265 20.20 -15.21 -4.71
N HIS A 266 20.93 -15.65 -5.71
CA HIS A 266 20.44 -15.57 -7.08
C HIS A 266 20.46 -16.92 -7.76
N ASP A 267 19.52 -17.13 -8.69
CA ASP A 267 19.46 -18.39 -9.40
C ASP A 267 20.45 -18.40 -10.58
N GLU A 268 20.41 -19.47 -11.37
CA GLU A 268 21.34 -19.61 -12.49
C GLU A 268 21.19 -18.54 -13.60
N ASP A 269 20.08 -17.82 -13.59
CA ASP A 269 19.82 -16.73 -14.56
C ASP A 269 20.18 -15.36 -13.99
N GLY A 270 20.63 -15.35 -12.73
CA GLY A 270 20.97 -14.11 -12.04
C GLY A 270 19.76 -13.42 -11.41
N LEU A 271 18.64 -14.13 -11.36
CA LEU A 271 17.42 -13.58 -10.74
C LEU A 271 17.39 -13.82 -9.24
N ALA A 272 17.00 -12.80 -8.49
CA ALA A 272 16.95 -12.91 -7.02
C ALA A 272 15.98 -14.03 -6.59
N ILE A 273 16.32 -14.67 -5.48
CA ILE A 273 15.48 -15.73 -4.91
C ILE A 273 14.77 -15.19 -3.67
N SER A 274 13.49 -14.87 -3.85
CA SER A 274 12.64 -14.44 -2.74
C SER A 274 11.19 -14.79 -3.07
N GLY A 275 10.25 -14.15 -2.37
CA GLY A 275 8.83 -14.53 -2.49
C GLY A 275 8.18 -14.01 -3.77
N ASP A 276 8.43 -12.74 -4.08
CA ASP A 276 7.90 -12.15 -5.30
C ASP A 276 8.88 -11.07 -5.72
N ILE A 277 9.48 -11.24 -6.90
CA ILE A 277 10.50 -10.32 -7.40
C ILE A 277 10.04 -9.64 -8.70
N ARG A 278 8.74 -9.63 -8.94
CA ARG A 278 8.26 -9.10 -10.23
C ARG A 278 8.43 -7.59 -10.33
N ASN A 279 9.11 -7.13 -11.37
CA ASN A 279 9.30 -5.70 -11.61
C ASN A 279 9.93 -5.03 -10.37
N SER A 280 10.90 -5.73 -9.78
CA SER A 280 11.53 -5.27 -8.53
C SER A 280 12.77 -4.42 -8.81
N TRP A 281 13.41 -3.94 -7.74
CA TRP A 281 14.64 -3.17 -7.85
C TRP A 281 15.42 -3.33 -6.56
N ALA A 282 16.63 -2.79 -6.53
CA ALA A 282 17.57 -2.99 -5.41
C ALA A 282 16.99 -2.62 -4.03
N GLY A 283 16.19 -1.55 -3.95
CA GLY A 283 15.61 -1.12 -2.68
C GLY A 283 14.69 -2.17 -2.09
N VAL A 284 13.88 -2.80 -2.94
CA VAL A 284 13.02 -3.91 -2.51
C VAL A 284 13.84 -5.14 -2.11
N SER A 285 14.87 -5.45 -2.90
CA SER A 285 15.76 -6.56 -2.56
C SER A 285 16.39 -6.35 -1.19
N ALA A 286 16.73 -5.10 -0.87
CA ALA A 286 17.31 -4.79 0.46
C ALA A 286 16.33 -5.11 1.58
N LEU A 287 15.06 -4.73 1.37
CA LEU A 287 14.06 -5.02 2.38
C LEU A 287 13.72 -6.51 2.46
N GLN A 288 13.67 -7.19 1.32
CA GLN A 288 13.51 -8.65 1.34
C GLN A 288 14.62 -9.30 2.19
N ALA A 289 15.87 -8.90 1.93
CA ALA A 289 16.99 -9.48 2.66
C ALA A 289 16.89 -9.17 4.15
N LEU A 290 16.51 -7.94 4.49
CA LEU A 290 16.42 -7.55 5.89
C LEU A 290 15.38 -8.39 6.62
N PHE A 291 14.26 -8.65 5.96
CA PHE A 291 13.20 -9.40 6.62
C PHE A 291 13.37 -10.92 6.59
N ILE A 292 14.17 -11.41 5.66
CA ILE A 292 14.63 -12.80 5.73
C ILE A 292 15.54 -12.92 6.95
N LYS A 293 16.43 -11.94 7.15
CA LYS A 293 17.25 -11.95 8.38
C LYS A 293 16.40 -11.94 9.64
N GLU A 294 15.33 -11.15 9.61
CA GLU A 294 14.40 -11.08 10.73
C GLU A 294 13.75 -12.44 10.99
N HIS A 295 13.20 -13.05 9.94
CA HIS A 295 12.61 -14.37 10.02
C HIS A 295 13.59 -15.38 10.60
N ASN A 296 14.80 -15.37 10.07
CA ASN A 296 15.83 -16.31 10.51
C ASN A 296 16.26 -16.08 11.96
N ALA A 297 16.26 -14.82 12.40
CA ALA A 297 16.60 -14.50 13.78
C ALA A 297 15.47 -14.97 14.71
N VAL A 298 14.22 -14.89 14.24
CA VAL A 298 13.10 -15.45 15.03
C VAL A 298 13.29 -16.97 15.16
N CYS A 299 13.63 -17.63 14.06
CA CYS A 299 13.93 -19.08 14.12
C CYS A 299 14.99 -19.43 15.17
N ASP A 300 16.06 -18.64 15.22
CA ASP A 300 17.13 -18.85 16.20
C ASP A 300 16.61 -18.71 17.62
N ALA A 301 15.76 -17.71 17.87
CA ALA A 301 15.22 -17.46 19.20
C ALA A 301 14.29 -18.58 19.64
N LEU A 302 13.53 -19.14 18.70
CA LEU A 302 12.54 -20.15 19.03
C LEU A 302 13.14 -21.55 19.16
N LYS A 303 14.21 -21.80 18.41
CA LYS A 303 14.90 -23.10 18.42
C LYS A 303 15.67 -23.26 19.73
N ASP A 304 16.18 -22.15 20.22
CA ASP A 304 16.85 -22.09 21.51
C ASP A 304 15.86 -22.36 22.64
N GLU A 305 14.75 -21.63 22.70
CA GLU A 305 13.72 -21.88 23.70
C GLU A 305 13.31 -23.37 23.74
N ASP A 306 13.15 -23.99 22.56
CA ASP A 306 12.52 -25.31 22.43
C ASP A 306 13.19 -26.16 21.33
N ASP A 307 14.01 -27.13 21.74
CA ASP A 307 14.77 -27.97 20.80
C ASP A 307 13.95 -29.12 20.18
N ASP A 308 12.67 -29.18 20.52
CA ASP A 308 11.76 -30.18 19.98
C ASP A 308 11.01 -29.68 18.75
N LEU A 309 11.19 -28.40 18.42
CA LEU A 309 10.58 -27.80 17.25
C LEU A 309 11.36 -28.17 16.00
N GLU A 310 10.65 -28.71 15.02
CA GLU A 310 11.25 -29.11 13.76
C GLU A 310 11.21 -27.93 12.79
N ASP A 311 11.86 -28.10 11.65
CA ASP A 311 11.91 -27.05 10.60
C ASP A 311 10.53 -26.45 10.28
N GLU A 312 9.53 -27.29 10.06
CA GLU A 312 8.21 -26.79 9.67
C GLU A 312 7.59 -25.94 10.78
N ASP A 313 7.72 -26.41 12.03
CA ASP A 313 7.20 -25.70 13.21
C ASP A 313 7.85 -24.33 13.33
N LEU A 314 9.17 -24.29 13.18
CA LEU A 314 9.93 -23.04 13.29
C LEU A 314 9.55 -22.06 12.21
N TYR A 315 9.47 -22.55 10.97
CA TYR A 315 9.03 -21.74 9.85
C TYR A 315 7.64 -21.11 10.14
N ARG A 316 6.70 -21.92 10.62
CA ARG A 316 5.34 -21.41 10.82
C ARG A 316 5.29 -20.32 11.88
N TYR A 317 5.94 -20.56 13.01
CA TYR A 317 5.99 -19.52 14.05
C TYR A 317 6.72 -18.27 13.59
N ALA A 318 7.87 -18.45 12.95
CA ALA A 318 8.66 -17.31 12.50
C ALA A 318 7.93 -16.50 11.44
N ARG A 319 7.16 -17.16 10.58
CA ARG A 319 6.34 -16.41 9.61
C ARG A 319 5.22 -15.59 10.28
N LEU A 320 4.59 -16.14 11.31
CA LEU A 320 3.59 -15.37 12.07
C LEU A 320 4.23 -14.13 12.68
N VAL A 321 5.35 -14.31 13.38
CA VAL A 321 6.05 -13.19 13.99
C VAL A 321 6.50 -12.16 12.96
N THR A 322 7.17 -12.62 11.90
CA THR A 322 7.73 -11.70 10.92
C THR A 322 6.63 -10.89 10.21
N SER A 323 5.57 -11.56 9.77
CA SER A 323 4.48 -10.86 9.10
C SER A 323 3.78 -9.86 10.04
N ALA A 324 3.69 -10.19 11.33
CA ALA A 324 3.09 -9.25 12.29
C ALA A 324 4.01 -8.05 12.54
N VAL A 325 5.31 -8.28 12.62
CA VAL A 325 6.30 -7.18 12.78
C VAL A 325 6.18 -6.22 11.58
N VAL A 326 6.09 -6.78 10.38
CA VAL A 326 5.99 -5.94 9.16
C VAL A 326 4.70 -5.10 9.18
N ALA A 327 3.57 -5.73 9.52
CA ALA A 327 2.31 -5.02 9.56
C ALA A 327 2.34 -3.91 10.63
N LYS A 328 2.94 -4.20 11.78
CA LYS A 328 3.05 -3.23 12.87
C LYS A 328 3.90 -2.03 12.44
N ILE A 329 5.07 -2.30 11.86
CA ILE A 329 5.94 -1.22 11.36
C ILE A 329 5.23 -0.38 10.31
N HIS A 330 4.51 -1.03 9.40
CA HIS A 330 3.80 -0.28 8.38
C HIS A 330 2.76 0.67 9.03
N THR A 331 2.03 0.13 10.00
CA THR A 331 0.90 0.82 10.60
C THR A 331 1.33 2.00 11.44
N ILE A 332 2.31 1.81 12.33
CA ILE A 332 2.65 2.84 13.31
C ILE A 332 3.94 3.62 13.03
N ASP A 333 4.68 3.21 12.00
CA ASP A 333 5.91 3.91 11.63
C ASP A 333 5.77 4.44 10.18
N TRP A 334 5.67 3.56 9.20
CA TRP A 334 5.60 4.02 7.80
C TRP A 334 4.41 4.98 7.55
N THR A 335 3.22 4.59 7.97
CA THR A 335 2.03 5.38 7.61
C THR A 335 2.08 6.74 8.26
N VAL A 336 2.69 6.80 9.45
CA VAL A 336 2.84 8.01 10.23
C VAL A 336 3.76 9.02 9.53
N GLN A 337 4.66 8.52 8.68
CA GLN A 337 5.51 9.40 7.87
C GLN A 337 4.83 9.82 6.57
N LEU A 338 4.10 8.90 5.95
CA LEU A 338 3.27 9.25 4.78
C LEU A 338 2.26 10.35 5.11
N LEU A 339 1.65 10.22 6.28
CA LEU A 339 0.56 11.10 6.71
C LEU A 339 1.06 11.82 7.96
N LYS A 340 1.90 12.82 7.73
CA LYS A 340 2.67 13.44 8.81
C LYS A 340 1.87 14.57 9.47
N THR A 341 0.78 14.17 10.11
CA THR A 341 -0.06 15.09 10.89
C THR A 341 -0.28 14.50 12.27
N ASP A 342 -0.62 15.37 13.23
CA ASP A 342 -0.96 14.93 14.58
C ASP A 342 -2.16 13.99 14.57
N THR A 343 -3.17 14.31 13.76
CA THR A 343 -4.37 13.48 13.74
C THR A 343 -4.08 12.06 13.28
N LEU A 344 -3.21 11.93 12.29
CA LEU A 344 -2.93 10.59 11.80
C LEU A 344 -1.90 9.86 12.65
N LEU A 345 -1.03 10.58 13.35
CA LEU A 345 -0.20 9.93 14.36
C LEU A 345 -1.11 9.25 15.39
N ALA A 346 -2.08 10.01 15.90
CA ALA A 346 -3.03 9.48 16.87
C ALA A 346 -3.86 8.33 16.27
N GLY A 347 -4.35 8.52 15.05
CA GLY A 347 -5.26 7.56 14.41
C GLY A 347 -4.59 6.23 14.10
N MET A 348 -3.39 6.29 13.51
CA MET A 348 -2.69 5.06 13.14
C MET A 348 -2.25 4.25 14.35
N ARG A 349 -1.73 4.94 15.36
CA ARG A 349 -1.40 4.27 16.62
C ARG A 349 -2.66 3.66 17.24
N ALA A 350 -3.79 4.36 17.18
CA ALA A 350 -5.06 3.80 17.71
C ALA A 350 -5.53 2.54 16.95
N ASN A 351 -5.27 2.44 15.65
CA ASN A 351 -5.54 1.18 14.92
C ASN A 351 -4.88 -0.03 15.59
N TRP A 352 -3.65 0.16 16.06
CA TRP A 352 -2.86 -0.94 16.63
C TRP A 352 -3.13 -1.10 18.12
N TYR A 353 -3.15 0.02 18.84
CA TYR A 353 -3.16 0.01 20.29
C TYR A 353 -4.42 0.54 20.95
N GLY A 354 -5.30 1.15 20.16
CA GLY A 354 -6.54 1.75 20.67
C GLY A 354 -6.31 3.15 21.23
N LEU A 355 -7.42 3.85 21.46
CA LEU A 355 -7.35 5.20 22.02
C LEU A 355 -6.69 5.20 23.40
N LEU A 356 -6.88 4.12 24.15
CA LEU A 356 -6.32 4.03 25.49
C LEU A 356 -4.80 3.88 25.51
N GLY A 357 -4.23 3.40 24.42
CA GLY A 357 -2.77 3.45 24.22
C GLY A 357 -1.97 2.21 24.56
N LYS A 358 -0.72 2.21 24.11
CA LYS A 358 0.20 1.10 24.30
C LYS A 358 0.42 0.73 25.76
N LYS A 359 0.74 1.72 26.59
CA LYS A 359 1.07 1.43 27.99
C LYS A 359 -0.10 0.72 28.68
N PHE A 360 -1.31 1.22 28.46
CA PHE A 360 -2.51 0.59 29.01
C PHE A 360 -2.70 -0.83 28.48
N LYS A 361 -2.59 -1.00 27.16
CA LYS A 361 -2.82 -2.31 26.58
C LYS A 361 -1.78 -3.33 27.04
N ASP A 362 -0.51 -2.90 27.10
CA ASP A 362 0.57 -3.77 27.52
C ASP A 362 0.42 -4.17 28.99
N SER A 363 -0.17 -3.28 29.79
CA SER A 363 -0.32 -3.55 31.24
C SER A 363 -1.58 -4.35 31.56
N PHE A 364 -2.70 -3.98 30.95
CA PHE A 364 -4.01 -4.48 31.36
C PHE A 364 -4.72 -5.35 30.35
N GLY A 365 -4.22 -5.37 29.12
CA GLY A 365 -4.80 -6.18 28.05
C GLY A 365 -5.72 -5.38 27.15
N HIS A 366 -6.36 -6.08 26.22
CA HIS A 366 -7.27 -5.46 25.27
C HIS A 366 -8.57 -5.01 25.94
N ALA A 367 -8.94 -3.74 25.73
CA ALA A 367 -10.13 -3.15 26.37
C ALA A 367 -11.46 -3.76 25.92
N GLY A 368 -11.48 -4.40 24.75
CA GLY A 368 -12.68 -5.08 24.27
C GLY A 368 -13.26 -4.56 22.97
N SER A 369 -13.20 -3.24 22.76
CA SER A 369 -13.67 -2.65 21.52
C SER A 369 -12.49 -2.21 20.67
N SER A 370 -12.69 -2.16 19.37
CA SER A 370 -11.63 -1.74 18.44
C SER A 370 -11.20 -0.29 18.71
N ILE A 371 -12.16 0.55 19.08
CA ILE A 371 -11.90 1.96 19.35
C ILE A 371 -10.93 2.17 20.53
N LEU A 372 -11.18 1.46 21.63
CA LEU A 372 -10.43 1.61 22.86
C LEU A 372 -9.16 0.77 22.91
N GLY A 373 -9.20 -0.41 22.30
CA GLY A 373 -8.11 -1.39 22.40
C GLY A 373 -7.31 -1.63 21.13
N GLY A 374 -7.83 -1.14 20.00
CA GLY A 374 -7.19 -1.37 18.69
C GLY A 374 -7.89 -2.50 17.97
N VAL A 375 -7.77 -2.55 16.65
CA VAL A 375 -8.29 -3.73 15.93
C VAL A 375 -7.42 -4.97 16.24
N VAL A 376 -6.13 -4.76 16.55
CA VAL A 376 -5.23 -5.86 16.84
C VAL A 376 -5.54 -6.52 18.19
N GLY A 377 -5.70 -7.85 18.17
CA GLY A 377 -6.03 -8.60 19.36
C GLY A 377 -7.52 -8.65 19.70
N MET A 378 -8.37 -8.09 18.84
CA MET A 378 -9.83 -8.24 18.99
CA MET A 378 -9.84 -8.24 18.95
C MET A 378 -10.19 -9.71 19.03
N LYS A 379 -11.30 -10.04 19.69
CA LYS A 379 -11.66 -11.44 19.90
C LYS A 379 -12.02 -12.23 18.64
N LYS A 380 -12.58 -11.55 17.64
CA LYS A 380 -12.94 -12.20 16.38
C LYS A 380 -12.59 -11.33 15.21
N PRO A 381 -12.26 -11.95 14.07
CA PRO A 381 -12.08 -11.13 12.87
C PRO A 381 -13.39 -10.49 12.44
N GLN A 382 -13.28 -9.36 11.74
CA GLN A 382 -14.44 -8.59 11.32
C GLN A 382 -14.30 -8.30 9.84
N ASN A 383 -15.30 -8.70 9.06
CA ASN A 383 -15.32 -8.39 7.63
C ASN A 383 -16.52 -7.52 7.20
N HIS A 384 -17.32 -7.09 8.19
CA HIS A 384 -18.49 -6.24 7.89
C HIS A 384 -19.46 -6.88 6.91
N GLY A 385 -19.46 -8.21 6.90
CA GLY A 385 -20.40 -8.98 6.06
C GLY A 385 -19.99 -9.17 4.62
N VAL A 386 -18.78 -8.73 4.26
CA VAL A 386 -18.26 -8.85 2.89
C VAL A 386 -16.93 -9.58 2.96
N PRO A 387 -16.81 -10.71 2.25
CA PRO A 387 -15.55 -11.49 2.32
C PRO A 387 -14.33 -10.62 2.07
N TYR A 388 -13.28 -10.82 2.85
CA TYR A 388 -12.04 -10.03 2.69
C TYR A 388 -11.48 -10.14 1.28
N SER A 389 -11.11 -9.01 0.71
CA SER A 389 -10.22 -8.97 -0.46
C SER A 389 -9.56 -7.61 -0.49
N LEU A 390 -8.50 -7.50 -1.28
CA LEU A 390 -8.04 -6.19 -1.70
C LEU A 390 -8.73 -5.89 -3.04
N THR A 391 -8.99 -4.61 -3.28
CA THR A 391 -9.97 -4.25 -4.29
C THR A 391 -9.35 -3.61 -5.53
N GLU A 392 -10.17 -3.49 -6.57
CA GLU A 392 -9.76 -2.76 -7.77
C GLU A 392 -9.41 -1.33 -7.42
N ASP A 393 -10.21 -0.72 -6.55
CA ASP A 393 -10.05 0.69 -6.20
C ASP A 393 -8.77 0.89 -5.39
N PHE A 394 -8.47 -0.08 -4.52
CA PHE A 394 -7.24 -0.10 -3.73
C PHE A 394 -6.03 -0.10 -4.67
N THR A 395 -6.08 -0.95 -5.70
CA THR A 395 -4.99 -1.00 -6.67
C THR A 395 -4.72 0.40 -7.22
N SER A 396 -5.80 1.06 -7.67
CA SER A 396 -5.65 2.36 -8.34
C SER A 396 -5.05 3.42 -7.42
N VAL A 397 -5.50 3.48 -6.16
CA VAL A 397 -5.03 4.53 -5.25
C VAL A 397 -3.60 4.30 -4.75
N TYR A 398 -3.08 3.08 -4.93
CA TYR A 398 -1.69 2.80 -4.54
C TYR A 398 -0.72 2.93 -5.72
N ARG A 399 -1.21 3.40 -6.87
CA ARG A 399 -0.34 3.65 -8.03
C ARG A 399 0.50 4.89 -7.76
N MET A 400 1.68 4.68 -7.18
CA MET A 400 2.50 5.78 -6.69
C MET A 400 3.92 5.79 -7.29
N HIS A 401 4.00 5.61 -8.61
CA HIS A 401 5.33 5.49 -9.26
C HIS A 401 6.13 6.80 -9.24
N SER A 402 5.45 7.93 -9.05
CA SER A 402 6.14 9.23 -9.02
C SER A 402 6.99 9.40 -7.76
N LEU A 403 6.87 8.49 -6.80
CA LEU A 403 7.80 8.43 -5.66
C LEU A 403 9.23 8.14 -6.09
N LEU A 404 9.41 7.51 -7.25
CA LEU A 404 10.75 7.11 -7.65
C LEU A 404 11.58 8.27 -8.26
N PRO A 405 12.87 8.33 -7.90
CA PRO A 405 13.73 9.38 -8.43
C PRO A 405 14.26 9.01 -9.82
N ASP A 406 15.03 9.91 -10.42
CA ASP A 406 15.71 9.61 -11.67
C ASP A 406 16.98 8.80 -11.42
N GLN A 407 17.63 9.13 -10.32
CA GLN A 407 18.90 8.52 -9.92
CA GLN A 407 18.87 8.47 -9.93
C GLN A 407 18.92 8.31 -8.42
N LEU A 408 19.69 7.33 -7.97
CA LEU A 408 19.97 7.18 -6.55
C LEU A 408 21.28 7.87 -6.21
N HIS A 409 21.28 8.59 -5.09
CA HIS A 409 22.45 9.36 -4.65
C HIS A 409 23.26 8.53 -3.68
N ILE A 410 24.36 7.95 -4.16
CA ILE A 410 25.17 7.06 -3.33
C ILE A 410 26.15 7.91 -2.53
N LEU A 411 26.11 7.76 -1.22
CA LEU A 411 26.91 8.62 -0.35
C LEU A 411 28.20 7.96 0.06
N ASP A 412 29.18 8.79 0.42
CA ASP A 412 30.46 8.29 0.90
C ASP A 412 30.39 7.89 2.37
N ILE A 413 30.07 6.63 2.65
CA ILE A 413 29.94 6.19 4.04
C ILE A 413 31.29 6.02 4.74
N ASP A 414 32.39 6.22 4.01
CA ASP A 414 33.72 6.22 4.65
C ASP A 414 34.08 7.59 5.21
N ASP A 415 33.30 8.61 4.84
CA ASP A 415 33.55 9.96 5.31
C ASP A 415 33.01 10.15 6.72
N VAL A 416 33.60 11.05 7.49
CA VAL A 416 33.09 11.36 8.83
C VAL A 416 31.78 12.16 8.70
N PRO A 417 30.68 11.68 9.30
CA PRO A 417 29.41 12.37 9.14
C PRO A 417 29.48 13.80 9.66
N GLY A 418 28.79 14.72 8.97
CA GLY A 418 28.79 16.13 9.34
C GLY A 418 27.63 16.50 10.24
N THR A 419 27.22 17.77 10.17
CA THR A 419 26.10 18.25 10.99
C THR A 419 24.86 17.42 10.64
N ASN A 420 24.15 16.98 11.67
CA ASN A 420 22.97 16.12 11.51
C ASN A 420 23.28 14.78 10.84
N LYS A 421 24.54 14.34 10.95
CA LYS A 421 25.02 13.09 10.35
C LYS A 421 25.00 13.08 8.82
N SER A 422 25.05 14.26 8.21
CA SER A 422 25.08 14.38 6.76
C SER A 422 26.33 13.75 6.17
N LEU A 423 26.21 13.25 4.94
CA LEU A 423 27.34 12.67 4.20
C LEU A 423 27.37 13.24 2.79
N PRO A 424 28.57 13.35 2.19
CA PRO A 424 28.68 13.84 0.82
C PRO A 424 28.33 12.77 -0.22
N LEU A 425 27.89 13.24 -1.39
CA LEU A 425 27.65 12.40 -2.55
C LEU A 425 28.97 11.85 -3.08
N ILE A 426 28.99 10.57 -3.43
CA ILE A 426 30.16 9.99 -4.09
C ILE A 426 29.86 9.59 -5.55
N GLN A 427 28.63 9.16 -5.82
CA GLN A 427 28.21 8.90 -7.21
C GLN A 427 26.69 8.88 -7.35
N GLU A 428 26.22 9.24 -8.55
CA GLU A 428 24.82 9.16 -8.90
C GLU A 428 24.67 7.96 -9.79
N ILE A 429 23.67 7.12 -9.50
CA ILE A 429 23.45 5.92 -10.27
C ILE A 429 22.06 5.98 -10.87
N SER A 430 22.00 5.90 -12.20
CA SER A 430 20.71 5.91 -12.90
CA SER A 430 20.71 5.94 -12.88
C SER A 430 19.82 4.81 -12.37
N MET A 431 18.54 5.11 -12.18
CA MET A 431 17.62 4.07 -11.72
C MET A 431 17.59 2.87 -12.67
N ARG A 432 17.85 3.09 -13.96
CA ARG A 432 17.94 1.96 -14.90
C ARG A 432 18.98 0.90 -14.49
N ASP A 433 20.05 1.32 -13.82
CA ASP A 433 21.08 0.40 -13.38
C ASP A 433 20.74 -0.28 -12.06
N LEU A 434 19.60 0.10 -11.47
CA LEU A 434 19.21 -0.41 -10.16
C LEU A 434 17.96 -1.27 -10.16
N ILE A 435 17.39 -1.50 -11.35
CA ILE A 435 16.15 -2.26 -11.46
C ILE A 435 16.39 -3.67 -12.00
N GLY A 436 15.53 -4.60 -11.60
CA GLY A 436 15.57 -5.98 -12.12
C GLY A 436 16.92 -6.67 -11.96
N ARG A 437 17.27 -7.48 -12.95
CA ARG A 437 18.50 -8.26 -12.95
C ARG A 437 19.76 -7.37 -12.84
N LYS A 438 19.79 -6.30 -13.65
CA LYS A 438 20.90 -5.36 -13.61
C LYS A 438 21.04 -4.76 -12.21
N GLY A 439 19.93 -4.46 -11.58
CA GLY A 439 19.94 -3.92 -10.22
C GLY A 439 20.55 -4.86 -9.19
N GLU A 440 20.34 -6.16 -9.36
CA GLU A 440 20.96 -7.13 -8.46
C GLU A 440 22.49 -7.09 -8.62
N GLU A 441 22.94 -6.94 -9.86
CA GLU A 441 24.38 -6.89 -10.12
C GLU A 441 24.97 -5.62 -9.51
N THR A 442 24.32 -4.49 -9.75
CA THR A 442 24.76 -3.22 -9.19
C THR A 442 24.77 -3.24 -7.66
N MET A 443 23.71 -3.79 -7.07
CA MET A 443 23.64 -3.91 -5.62
CA MET A 443 23.61 -3.94 -5.62
C MET A 443 24.77 -4.77 -5.06
N SER A 444 25.18 -5.81 -5.80
CA SER A 444 26.26 -6.68 -5.31
C SER A 444 27.55 -5.88 -5.11
N HIS A 445 27.71 -4.81 -5.90
CA HIS A 445 28.91 -3.96 -5.80
C HIS A 445 28.80 -2.91 -4.72
N ILE A 446 27.58 -2.37 -4.56
CA ILE A 446 27.30 -1.32 -3.59
C ILE A 446 27.25 -1.90 -2.18
N GLY A 447 26.51 -2.99 -2.04
CA GLY A 447 26.34 -3.64 -0.73
C GLY A 447 25.16 -3.08 0.05
N PHE A 448 24.69 -3.88 1.01
CA PHE A 448 23.50 -3.56 1.77
C PHE A 448 23.63 -2.24 2.53
N THR A 449 24.72 -2.09 3.28
CA THR A 449 24.89 -0.91 4.13
C THR A 449 24.91 0.40 3.34
N LYS A 450 25.76 0.45 2.32
CA LYS A 450 25.84 1.63 1.48
C LYS A 450 24.51 1.97 0.80
N LEU A 451 23.78 0.96 0.34
CA LEU A 451 22.49 1.22 -0.30
C LEU A 451 21.47 1.75 0.71
N MET A 452 21.40 1.09 1.87
CA MET A 452 20.42 1.46 2.91
CA MET A 452 20.42 1.47 2.89
C MET A 452 20.66 2.86 3.43
N VAL A 453 21.92 3.19 3.75
CA VAL A 453 22.22 4.53 4.25
C VAL A 453 21.91 5.59 3.17
N SER A 454 22.36 5.34 1.95
CA SER A 454 22.07 6.25 0.85
C SER A 454 20.56 6.47 0.66
N MET A 455 19.78 5.39 0.72
CA MET A 455 18.32 5.52 0.60
C MET A 455 17.74 6.31 1.77
N GLY A 456 18.27 6.08 2.97
CA GLY A 456 17.81 6.82 4.15
C GLY A 456 17.99 8.31 4.02
N HIS A 457 19.10 8.72 3.40
CA HIS A 457 19.43 10.12 3.22
C HIS A 457 18.79 10.78 2.00
N GLN A 458 18.04 10.02 1.19
CA GLN A 458 17.52 10.60 -0.07
C GLN A 458 16.01 10.73 -0.02
N ALA A 459 15.50 11.91 -0.38
CA ALA A 459 14.06 12.15 -0.41
C ALA A 459 13.43 11.39 -1.57
N SER A 460 12.20 10.92 -1.38
CA SER A 460 11.40 10.40 -2.49
C SER A 460 10.91 11.52 -3.40
N GLY A 461 10.44 11.13 -4.58
CA GLY A 461 9.63 12.03 -5.38
C GLY A 461 8.28 12.29 -4.73
N ALA A 462 7.67 13.41 -5.08
CA ALA A 462 6.34 13.77 -4.60
C ALA A 462 5.26 13.27 -5.55
N LEU A 463 4.08 12.99 -4.98
CA LEU A 463 2.90 12.57 -5.78
C LEU A 463 2.15 13.79 -6.28
N GLU A 464 2.72 14.37 -7.33
CA GLU A 464 2.21 15.56 -8.00
C GLU A 464 2.19 15.31 -9.51
N LEU A 465 1.49 16.16 -10.25
CA LEU A 465 1.53 16.06 -11.71
C LEU A 465 2.94 16.33 -12.23
N MET A 466 3.19 15.83 -13.43
CA MET A 466 4.43 16.13 -14.17
C MET A 466 5.67 15.75 -13.35
N ASN A 467 5.55 14.62 -12.66
CA ASN A 467 6.63 14.13 -11.82
C ASN A 467 6.82 12.61 -11.93
N TYR A 468 6.46 12.05 -13.08
CA TYR A 468 6.50 10.60 -13.30
C TYR A 468 7.83 10.26 -13.99
N PRO A 469 8.69 9.44 -13.34
CA PRO A 469 10.03 9.19 -13.90
C PRO A 469 9.99 8.85 -15.39
N MET A 470 10.78 9.55 -16.21
CA MET A 470 10.77 9.25 -17.65
C MET A 470 11.31 7.87 -17.98
N TRP A 471 12.20 7.36 -17.12
CA TRP A 471 12.73 6.04 -17.34
C TRP A 471 11.63 4.97 -17.26
N LEU A 472 10.57 5.23 -16.51
CA LEU A 472 9.45 4.27 -16.47
C LEU A 472 8.57 4.32 -17.73
N ARG A 473 8.79 5.32 -18.59
CA ARG A 473 8.02 5.42 -19.85
C ARG A 473 8.65 4.58 -20.96
N ASP A 474 9.73 3.86 -20.62
CA ASP A 474 10.27 2.81 -21.47
C ASP A 474 11.00 1.81 -20.60
N ILE A 475 10.24 0.88 -20.02
CA ILE A 475 10.84 -0.15 -19.19
C ILE A 475 10.55 -1.52 -19.71
N VAL A 476 11.44 -2.46 -19.41
CA VAL A 476 11.22 -3.86 -19.70
C VAL A 476 10.38 -4.45 -18.56
N PRO A 477 9.12 -4.86 -18.84
CA PRO A 477 8.31 -5.46 -17.77
C PRO A 477 8.61 -6.95 -17.62
N HIS A 478 8.14 -7.58 -16.54
CA HIS A 478 8.45 -8.96 -16.25
C HIS A 478 7.22 -9.86 -16.26
N ASP A 479 7.44 -11.14 -16.57
CA ASP A 479 6.50 -12.20 -16.20
C ASP A 479 6.44 -12.30 -14.65
N PRO A 480 5.44 -12.99 -14.11
CA PRO A 480 5.34 -13.04 -12.64
C PRO A 480 6.59 -13.56 -11.94
N ASN A 481 7.41 -14.36 -12.63
CA ASN A 481 8.62 -14.91 -11.99
C ASN A 481 9.85 -13.99 -12.07
N GLY A 482 9.66 -12.78 -12.60
CA GLY A 482 10.75 -11.82 -12.70
C GLY A 482 11.52 -11.91 -14.00
N GLN A 483 11.08 -12.79 -14.90
CA GLN A 483 11.77 -12.94 -16.21
C GLN A 483 11.38 -11.80 -17.14
N ALA A 484 12.37 -11.23 -17.82
CA ALA A 484 12.14 -10.12 -18.74
C ALA A 484 11.29 -10.48 -19.96
N ARG A 485 10.38 -9.58 -20.32
CA ARG A 485 9.57 -9.69 -21.53
C ARG A 485 10.22 -8.91 -22.67
N PRO A 486 10.05 -9.39 -23.91
CA PRO A 486 10.62 -8.65 -25.04
C PRO A 486 9.92 -7.32 -25.36
N ASP A 487 8.64 -7.21 -25.00
CA ASP A 487 7.85 -6.01 -25.32
C ASP A 487 7.90 -4.98 -24.19
N HIS A 488 8.57 -3.85 -24.44
CA HIS A 488 8.71 -2.77 -23.44
C HIS A 488 7.35 -2.11 -23.22
N VAL A 489 7.19 -1.42 -22.09
CA VAL A 489 5.96 -0.65 -21.86
C VAL A 489 6.27 0.78 -21.44
N ASP A 490 5.32 1.67 -21.73
CA ASP A 490 5.29 3.03 -21.19
C ASP A 490 4.38 2.92 -19.99
N LEU A 491 4.97 2.82 -18.80
CA LEU A 491 4.17 2.55 -17.62
C LEU A 491 3.13 3.63 -17.31
N ALA A 492 3.49 4.91 -17.52
CA ALA A 492 2.53 5.99 -17.25
C ALA A 492 1.26 5.82 -18.10
N ALA A 493 1.45 5.59 -19.40
CA ALA A 493 0.30 5.40 -20.28
C ALA A 493 -0.45 4.13 -19.91
N LEU A 494 0.28 3.07 -19.59
CA LEU A 494 -0.32 1.78 -19.24
C LEU A 494 -1.22 1.87 -17.98
N GLU A 495 -0.77 2.61 -16.97
CA GLU A 495 -1.57 2.71 -15.73
C GLU A 495 -2.92 3.38 -16.00
N ILE A 496 -2.89 4.41 -16.84
CA ILE A 496 -4.14 5.07 -17.28
C ILE A 496 -5.05 4.06 -17.97
N TYR A 497 -4.49 3.28 -18.90
CA TYR A 497 -5.25 2.25 -19.60
C TYR A 497 -5.85 1.23 -18.61
N ARG A 498 -5.04 0.76 -17.66
CA ARG A 498 -5.51 -0.28 -16.71
C ARG A 498 -6.70 0.17 -15.88
N ASP A 499 -6.64 1.37 -15.31
CA ASP A 499 -7.74 1.87 -14.48
C ASP A 499 -9.05 1.89 -15.27
N ARG A 500 -8.96 2.30 -16.55
CA ARG A 500 -10.12 2.29 -17.44
C ARG A 500 -10.59 0.87 -17.79
N GLU A 501 -9.63 0.02 -18.13
CA GLU A 501 -9.88 -1.37 -18.51
C GLU A 501 -10.60 -2.13 -17.39
N ARG A 502 -10.21 -1.83 -16.15
CA ARG A 502 -10.77 -2.53 -14.99
C ARG A 502 -11.99 -1.81 -14.39
N SER A 503 -12.54 -0.85 -15.14
CA SER A 503 -13.82 -0.22 -14.80
C SER A 503 -13.81 0.52 -13.46
N VAL A 504 -12.62 0.95 -13.02
CA VAL A 504 -12.54 1.77 -11.82
C VAL A 504 -13.09 3.17 -12.19
N PRO A 505 -13.98 3.74 -11.38
CA PRO A 505 -14.51 5.07 -11.74
C PRO A 505 -13.40 6.07 -11.96
N ARG A 506 -13.60 6.97 -12.92
CA ARG A 506 -12.69 8.09 -13.08
C ARG A 506 -12.85 9.05 -11.90
N TYR A 507 -11.99 10.07 -11.84
CA TYR A 507 -11.81 10.85 -10.62
C TYR A 507 -13.12 11.34 -9.96
N ASN A 508 -13.96 12.05 -10.72
CA ASN A 508 -15.14 12.66 -10.13
C ASN A 508 -16.18 11.65 -9.67
N GLU A 509 -16.40 10.61 -10.48
CA GLU A 509 -17.33 9.56 -10.08
C GLU A 509 -16.81 8.77 -8.88
N PHE A 510 -15.49 8.62 -8.78
CA PHE A 510 -14.86 7.97 -7.64
C PHE A 510 -15.20 8.77 -6.37
N ARG A 511 -15.04 10.08 -6.46
CA ARG A 511 -15.36 10.96 -5.32
C ARG A 511 -16.83 10.79 -4.91
N ARG A 512 -17.76 10.85 -5.87
CA ARG A 512 -19.18 10.72 -5.56
C ARG A 512 -19.46 9.38 -4.87
N SER A 513 -18.82 8.32 -5.38
CA SER A 513 -19.02 6.97 -4.85
C SER A 513 -18.57 6.86 -3.40
N MET A 514 -17.60 7.71 -3.03
CA MET A 514 -17.06 7.73 -1.67
C MET A 514 -17.66 8.86 -0.84
N PHE A 515 -18.86 9.32 -1.24
CA PHE A 515 -19.52 10.49 -0.65
C PHE A 515 -18.58 11.67 -0.33
N MET A 516 -17.76 11.99 -1.32
CA MET A 516 -16.98 13.21 -1.29
C MET A 516 -17.60 14.16 -2.29
N ILE A 517 -17.59 15.46 -1.97
CA ILE A 517 -18.16 16.46 -2.87
C ILE A 517 -17.36 16.48 -4.18
N PRO A 518 -18.05 16.32 -5.33
CA PRO A 518 -17.33 16.30 -6.60
C PRO A 518 -16.83 17.70 -6.98
N ILE A 519 -15.83 17.76 -7.86
CA ILE A 519 -15.37 19.06 -8.36
C ILE A 519 -16.34 19.53 -9.44
N THR A 520 -16.41 20.85 -9.64
CA THR A 520 -17.19 21.42 -10.74
C THR A 520 -16.30 22.05 -11.81
N LYS A 521 -15.07 22.35 -11.44
CA LYS A 521 -14.08 22.98 -12.33
C LYS A 521 -12.68 22.62 -11.87
N TRP A 522 -11.69 22.84 -12.74
CA TRP A 522 -10.32 22.48 -12.39
C TRP A 522 -9.80 23.20 -11.14
N GLU A 523 -10.31 24.42 -10.90
CA GLU A 523 -9.80 25.23 -9.80
C GLU A 523 -10.17 24.63 -8.44
N ASP A 524 -11.16 23.73 -8.45
CA ASP A 524 -11.56 23.00 -7.24
C ASP A 524 -10.50 21.96 -6.87
N LEU A 525 -9.76 21.52 -7.88
CA LEU A 525 -8.83 20.42 -7.75
C LEU A 525 -7.44 20.90 -7.36
N THR A 526 -7.00 22.00 -7.96
CA THR A 526 -5.61 22.48 -7.84
C THR A 526 -5.52 23.98 -8.04
N GLU A 527 -4.49 24.58 -7.43
CA GLU A 527 -4.23 26.02 -7.56
C GLU A 527 -3.17 26.33 -8.62
N ASP A 528 -2.55 25.29 -9.18
CA ASP A 528 -1.48 25.42 -10.18
C ASP A 528 -2.09 25.80 -11.54
N GLU A 529 -1.90 27.05 -11.94
CA GLU A 529 -2.55 27.60 -13.13
C GLU A 529 -2.09 26.96 -14.44
N GLU A 530 -0.80 26.66 -14.54
CA GLU A 530 -0.31 25.99 -15.76
C GLU A 530 -0.83 24.54 -15.85
N ALA A 531 -0.92 23.84 -14.72
CA ALA A 531 -1.50 22.49 -14.71
C ALA A 531 -2.96 22.50 -15.11
N ILE A 532 -3.71 23.49 -14.63
CA ILE A 532 -5.11 23.65 -14.99
C ILE A 532 -5.28 23.75 -16.52
N GLU A 533 -4.39 24.51 -17.16
CA GLU A 533 -4.46 24.68 -18.60
C GLU A 533 -4.17 23.34 -19.31
N VAL A 534 -3.23 22.56 -18.79
CA VAL A 534 -2.95 21.26 -19.40
C VAL A 534 -4.15 20.32 -19.20
N LEU A 535 -4.71 20.31 -17.99
CA LEU A 535 -5.91 19.50 -17.73
C LEU A 535 -7.03 19.86 -18.70
N ASP A 536 -7.26 21.15 -18.87
CA ASP A 536 -8.33 21.64 -19.74
C ASP A 536 -8.13 21.19 -21.17
N ASP A 537 -6.88 21.16 -21.61
CA ASP A 537 -6.52 20.77 -22.96
C ASP A 537 -6.75 19.27 -23.16
N VAL A 538 -6.16 18.47 -22.29
CA VAL A 538 -6.21 17.03 -22.45
C VAL A 538 -7.63 16.49 -22.37
N TYR A 539 -8.43 17.08 -21.47
CA TYR A 539 -9.77 16.58 -21.20
C TYR A 539 -10.88 17.37 -21.88
N ASP A 540 -10.47 18.30 -22.75
CA ASP A 540 -11.42 19.13 -23.51
C ASP A 540 -12.43 19.73 -22.56
N GLY A 541 -11.92 20.26 -21.45
CA GLY A 541 -12.71 20.99 -20.47
C GLY A 541 -13.61 20.16 -19.56
N ASP A 542 -13.60 18.83 -19.73
CA ASP A 542 -14.63 17.98 -19.10
C ASP A 542 -14.07 17.30 -17.85
N VAL A 543 -14.48 17.81 -16.68
CA VAL A 543 -14.00 17.23 -15.40
C VAL A 543 -14.48 15.79 -15.22
N GLU A 544 -15.56 15.43 -15.91
CA GLU A 544 -16.06 14.05 -15.82
C GLU A 544 -15.18 13.04 -16.53
N GLU A 545 -14.30 13.50 -17.41
CA GLU A 545 -13.42 12.58 -18.13
C GLU A 545 -12.04 12.45 -17.49
N LEU A 546 -11.76 13.36 -16.54
CA LEU A 546 -10.48 13.37 -15.78
C LEU A 546 -10.17 12.00 -15.19
N ASP A 547 -9.00 11.46 -15.52
CA ASP A 547 -8.62 10.11 -15.06
C ASP A 547 -8.40 10.11 -13.56
N LEU A 548 -8.69 8.97 -12.95
CA LEU A 548 -8.43 8.82 -11.52
C LEU A 548 -6.96 9.11 -11.15
N LEU A 549 -6.00 8.48 -11.82
CA LEU A 549 -4.59 8.67 -11.45
C LEU A 549 -4.20 10.16 -11.56
N VAL A 550 -4.60 10.79 -12.64
CA VAL A 550 -4.30 12.19 -12.84
C VAL A 550 -4.86 13.05 -11.72
N GLY A 551 -6.12 12.81 -11.36
CA GLY A 551 -6.78 13.58 -10.30
C GLY A 551 -6.12 13.36 -8.95
N LEU A 552 -5.73 12.11 -8.68
CA LEU A 552 -5.06 11.78 -7.41
C LEU A 552 -3.70 12.48 -7.30
N MET A 553 -2.97 12.59 -8.41
CA MET A 553 -1.69 13.33 -8.42
C MET A 553 -1.92 14.84 -8.30
N ALA A 554 -2.95 15.32 -9.00
CA ALA A 554 -3.19 16.76 -9.11
C ALA A 554 -3.76 17.42 -7.84
N GLU A 555 -4.53 16.63 -7.09
CA GLU A 555 -5.30 17.15 -5.96
C GLU A 555 -4.45 17.87 -4.93
N LYS A 556 -4.84 19.09 -4.58
CA LYS A 556 -4.11 19.85 -3.55
C LYS A 556 -4.04 19.01 -2.27
N LYS A 557 -2.84 18.90 -1.69
CA LYS A 557 -2.64 18.04 -0.53
C LYS A 557 -2.95 18.74 0.79
N ILE A 558 -3.50 17.98 1.73
CA ILE A 558 -3.58 18.39 3.12
C ILE A 558 -2.13 18.58 3.62
N LYS A 559 -1.88 19.65 4.40
CA LYS A 559 -0.55 19.87 4.97
C LYS A 559 -0.09 18.59 5.69
N GLY A 560 1.10 18.10 5.32
CA GLY A 560 1.68 16.91 5.92
C GLY A 560 1.35 15.59 5.22
N PHE A 561 0.33 15.61 4.34
CA PHE A 561 -0.05 14.39 3.60
C PHE A 561 0.74 14.27 2.29
N ALA A 562 1.40 13.12 2.11
CA ALA A 562 2.04 12.83 0.83
C ALA A 562 1.05 12.38 -0.24
N ILE A 563 -0.15 11.97 0.17
CA ILE A 563 -1.15 11.47 -0.78
C ILE A 563 -2.39 12.38 -0.75
N SER A 564 -3.23 12.24 -1.77
CA SER A 564 -4.49 12.98 -1.83
C SER A 564 -5.46 12.47 -0.77
N GLU A 565 -6.39 13.35 -0.39
CA GLU A 565 -7.48 12.94 0.51
C GLU A 565 -8.36 11.86 -0.11
N THR A 566 -8.56 11.95 -1.42
CA THR A 566 -9.35 10.93 -2.14
C THR A 566 -8.71 9.54 -2.00
N ALA A 567 -7.40 9.46 -2.19
CA ALA A 567 -6.69 8.21 -1.92
C ALA A 567 -6.79 7.82 -0.45
N PHE A 568 -6.59 8.79 0.43
CA PHE A 568 -6.59 8.52 1.85
C PHE A 568 -7.86 7.80 2.34
N TYR A 569 -9.03 8.17 1.84
CA TYR A 569 -10.25 7.49 2.37
C TYR A 569 -10.28 6.01 2.02
N ILE A 570 -9.69 5.62 0.89
CA ILE A 570 -9.54 4.20 0.58
C ILE A 570 -8.51 3.58 1.54
N PHE A 571 -7.38 4.25 1.77
CA PHE A 571 -6.38 3.79 2.77
C PHE A 571 -7.09 3.62 4.13
N LEU A 572 -7.95 4.57 4.50
CA LEU A 572 -8.60 4.64 5.82
C LEU A 572 -9.35 3.34 6.08
N ILE A 573 -10.16 2.94 5.11
CA ILE A 573 -10.95 1.72 5.30
C ILE A 573 -10.13 0.43 5.04
N MET A 574 -9.30 0.42 4.00
CA MET A 574 -8.61 -0.82 3.60
C MET A 574 -7.44 -1.19 4.51
N ALA A 575 -6.73 -0.21 5.03
CA ALA A 575 -5.66 -0.48 6.00
C ALA A 575 -6.21 -1.14 7.27
N THR A 576 -7.32 -0.60 7.76
CA THR A 576 -8.00 -1.16 8.93
C THR A 576 -8.44 -2.60 8.60
N ARG A 577 -8.97 -2.78 7.39
CA ARG A 577 -9.49 -4.08 6.92
C ARG A 577 -8.42 -5.17 6.84
N ARG A 578 -7.24 -4.81 6.35
CA ARG A 578 -6.13 -5.77 6.27
C ARG A 578 -5.81 -6.38 7.64
N LEU A 579 -5.95 -5.59 8.70
CA LEU A 579 -5.71 -6.12 10.05
C LEU A 579 -6.93 -6.81 10.61
N GLU A 580 -8.07 -6.14 10.57
CA GLU A 580 -9.23 -6.60 11.35
C GLU A 580 -9.87 -7.87 10.77
N ALA A 581 -9.67 -8.13 9.48
CA ALA A 581 -10.31 -9.28 8.81
C ALA A 581 -9.53 -10.57 8.92
N ASP A 582 -8.31 -10.46 9.46
CA ASP A 582 -7.33 -11.56 9.46
C ASP A 582 -7.28 -12.21 10.85
N ARG A 583 -7.52 -13.52 10.92
CA ARG A 583 -7.45 -14.22 12.20
C ARG A 583 -6.16 -13.96 12.93
N PHE A 584 -5.06 -13.84 12.20
CA PHE A 584 -3.76 -13.81 12.87
C PHE A 584 -3.40 -12.47 13.49
N PHE A 585 -4.24 -11.46 13.24
CA PHE A 585 -4.10 -10.18 13.92
C PHE A 585 -5.19 -9.97 14.95
N THR A 586 -6.12 -10.93 15.08
CA THR A 586 -7.28 -10.76 15.92
C THR A 586 -7.47 -11.96 16.86
N SER A 587 -8.35 -12.90 16.50
CA SER A 587 -8.64 -14.04 17.36
C SER A 587 -7.43 -14.89 17.69
N ASP A 588 -6.48 -14.95 16.76
CA ASP A 588 -5.31 -15.80 16.95
C ASP A 588 -4.03 -14.99 17.15
N PHE A 589 -4.18 -13.73 17.51
CA PHE A 589 -3.03 -12.92 17.92
C PHE A 589 -2.82 -13.12 19.41
N ASN A 590 -2.14 -14.21 19.75
CA ASN A 590 -1.98 -14.61 21.16
C ASN A 590 -0.78 -15.55 21.31
N GLU A 591 -0.40 -15.82 22.55
CA GLU A 591 0.81 -16.57 22.86
C GLU A 591 0.74 -18.05 22.46
N THR A 592 -0.47 -18.60 22.37
CA THR A 592 -0.63 -19.99 21.97
C THR A 592 -0.21 -20.15 20.50
N ILE A 593 -0.65 -19.18 19.68
CA ILE A 593 -0.42 -19.23 18.26
C ILE A 593 1.01 -18.79 17.90
N TYR A 594 1.48 -17.73 18.57
CA TYR A 594 2.77 -17.10 18.21
C TYR A 594 3.95 -17.63 19.01
N THR A 595 3.65 -18.39 20.07
CA THR A 595 4.54 -18.67 21.22
C THR A 595 4.65 -17.42 22.11
N LYS A 596 5.04 -17.63 23.37
CA LYS A 596 5.27 -16.53 24.30
C LYS A 596 6.38 -15.63 23.79
N LYS A 597 7.51 -16.21 23.44
CA LYS A 597 8.64 -15.39 22.93
C LYS A 597 8.32 -14.72 21.60
N GLY A 598 7.56 -15.42 20.75
CA GLY A 598 7.16 -14.86 19.45
C GLY A 598 6.26 -13.66 19.61
N LEU A 599 5.24 -13.77 20.48
CA LEU A 599 4.37 -12.64 20.72
C LEU A 599 5.14 -11.47 21.33
N GLU A 600 6.06 -11.77 22.26
CA GLU A 600 6.91 -10.75 22.88
C GLU A 600 7.73 -10.00 21.82
N TRP A 601 8.24 -10.76 20.86
CA TRP A 601 9.04 -10.19 19.78
C TRP A 601 8.21 -9.15 19.02
N VAL A 602 6.97 -9.50 18.66
CA VAL A 602 6.08 -8.53 18.02
C VAL A 602 5.81 -7.34 18.93
N ASN A 603 5.46 -7.65 20.18
CA ASN A 603 4.99 -6.61 21.10
C ASN A 603 6.08 -5.61 21.51
N THR A 604 7.36 -5.95 21.29
CA THR A 604 8.48 -5.07 21.66
C THR A 604 9.17 -4.43 20.45
N THR A 605 8.68 -4.73 19.26
CA THR A 605 9.23 -4.15 18.04
C THR A 605 8.27 -3.07 17.58
N GLU A 606 8.75 -1.83 17.48
CA GLU A 606 7.85 -0.69 17.22
C GLU A 606 8.10 0.07 15.92
N SER A 607 9.17 -0.27 15.22
CA SER A 607 9.63 0.58 14.13
C SER A 607 10.59 -0.17 13.20
N LEU A 608 10.79 0.39 12.01
CA LEU A 608 11.85 -0.11 11.14
C LEU A 608 13.23 0.05 11.81
N LYS A 609 13.43 1.17 12.50
CA LYS A 609 14.67 1.36 13.25
C LYS A 609 14.99 0.17 14.17
N ASP A 610 13.97 -0.35 14.86
CA ASP A 610 14.20 -1.48 15.77
C ASP A 610 14.74 -2.71 15.03
N VAL A 611 14.18 -2.96 13.85
CA VAL A 611 14.64 -4.07 13.01
C VAL A 611 16.04 -3.83 12.44
N ILE A 612 16.29 -2.65 11.89
CA ILE A 612 17.66 -2.34 11.42
C ILE A 612 18.67 -2.51 12.57
N ASP A 613 18.34 -1.95 13.74
CA ASP A 613 19.23 -2.05 14.92
C ASP A 613 19.52 -3.49 15.35
N ARG A 614 18.55 -4.38 15.15
CA ARG A 614 18.73 -5.78 15.48
C ARG A 614 19.80 -6.47 14.63
N HIS A 615 19.83 -6.15 13.33
CA HIS A 615 20.69 -6.83 12.36
C HIS A 615 21.97 -6.07 12.02
N TYR A 616 21.92 -4.76 12.19
CA TYR A 616 23.05 -3.85 11.88
C TYR A 616 23.16 -2.89 13.04
N PRO A 617 23.75 -3.35 14.16
CA PRO A 617 23.68 -2.65 15.45
C PRO A 617 24.24 -1.21 15.50
N ASP A 618 25.11 -0.84 14.56
CA ASP A 618 25.77 0.48 14.57
C ASP A 618 25.24 1.43 13.50
N MET A 619 24.48 0.92 12.54
CA MET A 619 24.07 1.71 11.36
C MET A 619 23.34 3.01 11.73
N THR A 620 22.26 2.90 12.51
CA THR A 620 21.48 4.11 12.81
C THR A 620 22.21 5.06 13.76
N ASP A 621 22.99 4.52 14.69
CA ASP A 621 23.79 5.39 15.57
C ASP A 621 24.75 6.24 14.74
N LYS A 622 25.39 5.65 13.73
CA LYS A 622 26.36 6.39 12.93
C LYS A 622 25.72 7.39 11.98
N TRP A 623 24.59 7.02 11.38
CA TRP A 623 24.14 7.69 10.17
C TRP A 623 22.69 8.20 10.16
N MET A 624 21.91 7.92 11.19
CA MET A 624 20.51 8.33 11.22
C MET A 624 20.26 9.34 12.31
N ASN A 625 19.88 10.56 11.91
CA ASN A 625 19.58 11.61 12.87
C ASN A 625 18.09 11.80 13.10
N SER A 626 17.26 11.25 12.19
CA SER A 626 15.80 11.33 12.33
C SER A 626 15.29 10.36 13.38
N GLU A 627 14.07 10.59 13.86
CA GLU A 627 13.44 9.66 14.81
C GLU A 627 13.02 8.38 14.09
N SER A 628 12.40 8.51 12.91
CA SER A 628 11.96 7.36 12.09
C SER A 628 12.95 7.07 10.97
N ALA A 629 13.18 5.78 10.71
CA ALA A 629 14.03 5.37 9.59
C ALA A 629 13.43 5.69 8.24
N PHE A 630 12.15 6.07 8.22
CA PHE A 630 11.47 6.42 6.97
C PHE A 630 11.53 7.92 6.64
N SER A 631 12.02 8.73 7.59
CA SER A 631 12.25 10.16 7.37
C SER A 631 13.64 10.33 6.82
N VAL A 632 13.91 11.42 6.11
CA VAL A 632 15.28 11.65 5.61
C VAL A 632 16.25 11.66 6.81
N TRP A 633 17.30 10.86 6.70
CA TRP A 633 18.13 10.54 7.86
C TRP A 633 18.94 11.71 8.42
N ASP A 634 19.26 12.71 7.61
CA ASP A 634 20.02 13.83 8.13
C ASP A 634 19.12 15.01 8.48
N SER A 635 17.88 14.70 8.89
CA SER A 635 16.97 15.72 9.40
C SER A 635 17.53 16.30 10.69
N PRO A 636 17.26 17.61 10.92
CA PRO A 636 17.69 18.22 12.18
C PRO A 636 16.86 17.68 13.35
N PRO A 637 17.38 17.78 14.58
CA PRO A 637 16.62 17.29 15.71
C PRO A 637 15.37 18.11 15.91
N LEU A 638 14.30 17.46 16.36
CA LEU A 638 13.05 18.17 16.62
C LEU A 638 12.71 18.12 18.10
N THR A 639 12.26 19.24 18.63
CA THR A 639 11.82 19.30 20.01
C THR A 639 10.36 18.85 20.04
N LYS A 640 10.00 18.01 21.00
CA LYS A 640 8.64 17.47 21.05
C LYS A 640 7.63 18.58 21.35
N ASN A 641 6.45 18.46 20.75
CA ASN A 641 5.35 19.38 20.97
C ASN A 641 4.82 19.16 22.40
N PRO A 642 4.83 20.21 23.24
CA PRO A 642 4.36 20.06 24.64
C PRO A 642 2.85 19.96 24.80
N ILE A 643 2.09 20.29 23.76
CA ILE A 643 0.63 20.19 23.83
C ILE A 643 0.21 18.72 23.71
N PRO A 644 -0.65 18.21 24.63
CA PRO A 644 -1.11 16.82 24.52
C PRO A 644 -1.63 16.47 23.14
N LEU A 645 -1.22 15.32 22.63
CA LEU A 645 -1.56 14.91 21.26
C LEU A 645 -3.03 15.09 20.89
N TYR A 646 -3.95 14.59 21.73
CA TYR A 646 -5.36 14.60 21.36
C TYR A 646 -5.98 16.01 21.33
N LEU A 647 -5.24 16.99 21.83
CA LEU A 647 -5.74 18.36 21.91
C LEU A 647 -5.17 19.28 20.84
N ARG A 648 -4.24 18.77 20.05
CA ARG A 648 -3.52 19.62 19.09
C ARG A 648 -4.40 20.10 17.97
N ILE A 649 -4.21 21.36 17.61
CA ILE A 649 -4.92 21.99 16.51
C ILE A 649 -3.95 22.16 15.36
N PRO A 650 -4.34 21.69 14.17
CA PRO A 650 -3.50 21.92 12.99
C PRO A 650 -3.48 23.40 12.62
N SER A 651 -2.33 23.89 12.14
CA SER A 651 -2.25 25.26 11.62
C SER A 651 -2.35 25.31 10.09
CHA HEM B . 2.26 -2.21 -11.45
CHB HEM B . 6.91 -1.54 -12.65
CHC HEM B . 7.70 0.55 -8.36
CHD HEM B . 2.96 0.40 -7.34
C1A HEM B . 3.44 -2.23 -12.16
C2A HEM B . 3.65 -2.80 -13.46
C3A HEM B . 4.94 -2.60 -13.80
C4A HEM B . 5.57 -1.88 -12.71
CMA HEM B . 5.63 -3.06 -15.11
CAA HEM B . 2.56 -3.54 -14.28
CBA HEM B . 1.94 -2.71 -15.39
CGA HEM B . 0.83 -3.55 -15.99
O1A HEM B . 1.14 -4.47 -16.79
O2A HEM B . -0.35 -3.33 -15.65
C1B HEM B . 7.54 -1.01 -11.55
C2B HEM B . 8.99 -0.85 -11.39
C3B HEM B . 9.20 -0.28 -10.17
C4B HEM B . 7.91 -0.05 -9.58
CMB HEM B . 10.04 -1.30 -12.43
CAB HEM B . 10.49 0.13 -9.43
CBB HEM B . 11.70 0.10 -9.98
C1C HEM B . 6.49 0.78 -7.76
C2C HEM B . 6.26 1.64 -6.60
C3C HEM B . 4.95 1.62 -6.32
C4C HEM B . 4.30 0.73 -7.28
CMC HEM B . 7.33 2.48 -5.83
CAC HEM B . 4.30 2.39 -5.16
CBC HEM B . 3.22 1.99 -4.48
C1D HEM B . 2.37 -0.37 -8.31
C2D HEM B . 0.98 -0.75 -8.30
C3D HEM B . 0.77 -1.55 -9.57
C4D HEM B . 2.06 -1.58 -10.24
CMD HEM B . -0.11 -0.42 -7.25
CAD HEM B . -0.55 -2.19 -10.04
CBD HEM B . -0.58 -3.68 -9.65
CGD HEM B . -1.76 -4.35 -10.30
O1D HEM B . -2.22 -3.96 -11.42
O2D HEM B . -2.30 -5.27 -9.67
NA HEM B . 4.62 -1.66 -11.72
NB HEM B . 6.92 -0.50 -10.43
NC HEM B . 5.27 0.26 -8.15
ND HEM B . 2.97 -0.87 -9.46
FE HEM B . 4.92 -0.63 -9.96
CA CA C . 0.10 -11.48 0.62
CA CA D . 0.04 27.28 -20.45
CA CA E . 10.70 -28.66 24.35
CL CL F . -1.69 1.66 3.98
CL CL G . 2.02 -5.26 19.78
CA CA H . 22.41 15.33 2.99
CL CL I . 3.63 -20.67 -9.25
CA CA J . 15.02 -27.01 -2.77
C1 PEG K . 5.20 13.86 15.32
O1 PEG K . 5.77 13.31 16.51
C2 PEG K . 3.99 14.74 15.64
O2 PEG K . 3.05 14.80 14.55
C3 PEG K . 3.59 15.27 13.31
C4 PEG K . 3.22 16.73 13.06
O4 PEG K . 4.23 17.32 12.22
C1 BNG L . -16.13 23.93 17.10
C2 BNG L . -14.71 23.41 16.99
C3 BNG L . -14.04 24.22 15.94
C4 BNG L . -15.11 24.92 15.09
C5 BNG L . -15.61 25.98 16.06
C6 BNG L . -16.09 27.32 15.53
C1' BNG L . -16.44 22.03 15.76
C2' BNG L . -17.62 21.32 15.10
C3' BNG L . -17.22 20.06 14.34
C4' BNG L . -17.45 18.80 15.12
C5' BNG L . -17.42 17.57 14.25
C6' BNG L . -16.87 16.45 15.06
C7' BNG L . -16.92 15.09 14.44
C8' BNG L . -18.08 14.87 13.54
C9' BNG L . -18.43 13.43 13.63
O1 BNG L . -16.67 23.44 15.89
O2 BNG L . -13.92 23.37 18.16
O3 BNG L . -13.15 23.39 15.24
O4 BNG L . -14.46 25.53 13.99
O5 BNG L . -16.33 25.39 17.13
O6 BNG L . -15.10 28.33 15.79
O1 P6G M . -8.31 24.57 -4.25
C2 P6G M . -9.49 24.05 -3.62
C3 P6G M . -10.66 25.02 -3.81
O4 P6G M . -11.84 24.51 -3.15
C5 P6G M . -13.05 24.74 -3.87
C6 P6G M . -14.20 23.97 -3.22
O7 P6G M . -14.59 22.90 -4.08
C8 P6G M . -15.06 21.74 -3.39
C9 P6G M . -14.91 20.50 -4.25
O10 P6G M . -13.53 20.23 -4.47
C11 P6G M . -13.15 18.92 -4.03
C12 P6G M . -11.66 18.70 -4.22
O13 P6G M . -10.92 19.45 -3.25
C14 P6G M . -9.51 19.31 -3.42
C15 P6G M . -8.74 20.12 -2.38
O16 P6G M . -8.96 19.57 -1.08
C17 P6G M . -7.76 19.41 -0.32
C18 P6G M . -7.75 20.31 0.91
O19 P6G M . -6.41 20.77 1.18
C1 PGE N . 12.20 -9.26 23.33
O1 PGE N . 12.70 -8.79 24.58
C2 PGE N . 13.34 -9.23 22.32
O2 PGE N . 12.91 -9.54 21.01
C3 PGE N . 13.99 -9.62 20.09
C4 PGE N . 14.75 -10.92 20.38
O4 PGE N . 17.78 -13.59 21.48
C6 PGE N . 16.79 -12.57 21.32
C5 PGE N . 16.71 -12.14 19.87
O3 PGE N . 16.05 -10.88 19.79
#